data_3ZVH
#
_entry.id   3ZVH
#
_cell.length_a   66.788
_cell.length_b   109.705
_cell.length_c   110.096
_cell.angle_alpha   90.00
_cell.angle_beta   90.00
_cell.angle_gamma   90.00
#
_symmetry.space_group_name_H-M   'P 21 21 21'
#
loop_
_entity.id
_entity.type
_entity.pdbx_description
1 polymer 'METHYLASPARTATE AMMONIA-LYASE'
2 polymer 'METHYLASPARTATE AMMONIA-LYASE'
3 non-polymer 'MAGNESIUM ION'
4 non-polymer GLYCEROL
5 non-polymer 'CHLORIDE ION'
6 water water
#
loop_
_entity_poly.entity_id
_entity_poly.type
_entity_poly.pdbx_seq_one_letter_code
_entity_poly.pdbx_strand_id
1 'polypeptide(L)'
;MKIVDVLCTPGLTGFYFDDQRAIKKGAGHDGFTYTGSTVTEGFTQVRQKGESISVLLVLEDGQVAHGDCAAVAYSGAGGR
DPLFLAKDFIPVIEKEIAPKLIGREITNFKPMAEEFDKMTVNGNRLHTAIRYGITQAILDAVAKTRKVTMAEVIRDEYNP
GAEINAVPVFAQSGDDRYDNVDKMIIKEADVLPHALINNVEEKLGLKGEKLLEYVKWLRDRIIKLRVREDYAPIFHIDVY
GTIGAAFDVDIKAMADYIQTLAEAAKPFHLRIEGPMDVEDRQKQMEAMRDLRAELDGRGVDAELVADEWCNTVEDVKFFT
DNKAGHMVQIKTPDLGGVNNIADAIMYCKANGMGAYCGGT(CSO)NETNRSAEVTTNIGMACGARQVLAKPGMGVDEGMM
IVKNEMNRVLALVGRRKKLGPEQKLISEEDLNSAVDHHHHHH
;
A
2 'polypeptide(L)'
;MKIVDVLCTPGLTGFYFDDQRAIKKGAGHDGFTYTGSTVTEGFTQVRQKGESISVLLVLEDGQVAHGDCAAVAYSGAGGR
DPLFLAKDFIPVIEKEIAPKLIGREITNFKPMAEEFDKMTVNGNRLHTAIRYGITQAILDAVAKTRKVTMAEVIRDEYNP
GAEINAVPVFAQSGDDRYDNVDKMIIKEADVLPHALINNVEEKLGLKGEKLLEYVKWLRDRIIKLRVREDYAPIFHIDVY
GTIGAAFDVDIKAMADYIQTLAEAAKPFHLRIEGPMDVEDRQKQMEAMRDLRAELDGRGVDAELVADEWCNTVEDVKFFT
DNKAGHMVQIKTPDLGGVNNIADAIMYCKANGMGAYCGGT(OCS)NETNRSAEVTTNIGMACGARQVLAKPGMGVDEGMM
IVKNEMNRVLALVGRRKKLGPEQKLISEEDLNSAVDHHHHHH
;
B
#
loop_
_chem_comp.id
_chem_comp.type
_chem_comp.name
_chem_comp.formula
CL non-polymer 'CHLORIDE ION' 'Cl -1'
GOL non-polymer GLYCEROL 'C3 H8 O3'
MG non-polymer 'MAGNESIUM ION' 'Mg 2'
#
# COMPACT_ATOMS: atom_id res chain seq x y z
N MET A 1 -9.39 -31.57 -6.44
CA MET A 1 -9.04 -30.61 -5.34
C MET A 1 -10.28 -30.01 -4.64
N LYS A 2 -10.27 -30.07 -3.32
CA LYS A 2 -11.25 -29.40 -2.46
C LYS A 2 -10.62 -28.35 -1.54
N ILE A 3 -11.47 -27.48 -1.03
CA ILE A 3 -11.11 -26.62 0.08
C ILE A 3 -11.25 -27.46 1.35
N VAL A 4 -10.20 -27.46 2.18
CA VAL A 4 -10.26 -28.21 3.44
C VAL A 4 -10.55 -27.36 4.67
N ASP A 5 -10.10 -26.12 4.68
CA ASP A 5 -10.41 -25.19 5.77
C ASP A 5 -10.61 -23.76 5.30
N VAL A 6 -11.33 -23.00 6.11
CA VAL A 6 -11.62 -21.61 5.88
C VAL A 6 -11.19 -20.84 7.12
N LEU A 7 -10.39 -19.80 6.94
CA LEU A 7 -10.01 -18.96 8.08
C LEU A 7 -10.41 -17.51 7.77
N CYS A 8 -11.00 -16.82 8.76
CA CYS A 8 -11.31 -15.42 8.59
C CYS A 8 -10.52 -14.61 9.60
N THR A 9 -9.89 -13.54 9.16
CA THR A 9 -9.23 -12.61 10.10
C THR A 9 -9.79 -11.21 9.89
N PRO A 10 -9.94 -10.45 10.99
CA PRO A 10 -10.24 -9.01 10.82
C PRO A 10 -9.01 -8.31 10.29
N GLY A 11 -9.21 -7.23 9.54
CA GLY A 11 -8.09 -6.47 8.98
C GLY A 11 -8.33 -4.99 8.75
N LEU A 12 -7.28 -4.29 8.31
CA LEU A 12 -7.40 -2.91 7.90
C LEU A 12 -7.55 -2.81 6.39
N THR A 13 -7.56 -1.57 5.90
CA THR A 13 -7.77 -1.25 4.51
C THR A 13 -6.91 -0.01 4.25
N GLY A 14 -6.82 0.41 3.00
CA GLY A 14 -6.07 1.60 2.64
C GLY A 14 -6.71 2.91 3.09
N PHE A 15 -7.92 2.86 3.65
CA PHE A 15 -8.59 4.10 4.09
C PHE A 15 -9.50 4.02 5.33
N TYR A 16 -10.64 4.71 5.28
CA TYR A 16 -11.52 4.91 6.43
C TYR A 16 -12.96 4.67 6.06
N PHE A 17 -13.76 4.28 7.06
CA PHE A 17 -15.19 4.44 6.98
C PHE A 17 -15.57 5.83 7.40
N ASP A 18 -16.14 6.61 6.48
CA ASP A 18 -16.69 7.94 6.76
C ASP A 18 -18.21 7.96 6.70
N ASP A 19 -18.82 8.52 7.74
CA ASP A 19 -20.27 8.71 7.78
C ASP A 19 -20.63 9.83 6.78
N GLN A 20 -20.93 9.45 5.54
CA GLN A 20 -21.23 10.41 4.46
C GLN A 20 -22.42 11.31 4.83
N ARG A 21 -23.42 10.73 5.47
CA ARG A 21 -24.59 11.49 5.86
C ARG A 21 -24.21 12.65 6.79
N ALA A 22 -23.39 12.35 7.80
CA ALA A 22 -22.88 13.37 8.75
C ALA A 22 -21.97 14.43 8.11
N ILE A 23 -21.16 13.99 7.14
CA ILE A 23 -20.30 14.88 6.37
C ILE A 23 -21.15 15.88 5.58
N LYS A 24 -22.25 15.40 4.99
CA LYS A 24 -23.21 16.29 4.31
C LYS A 24 -24.01 17.16 5.28
N LYS A 25 -24.30 16.60 6.46
CA LYS A 25 -24.87 17.34 7.60
C LYS A 25 -23.99 18.47 8.16
N GLY A 26 -22.68 18.42 7.90
CA GLY A 26 -21.77 19.50 8.31
C GLY A 26 -20.67 19.22 9.32
N ALA A 27 -20.34 17.95 9.55
CA ALA A 27 -19.21 17.59 10.42
C ALA A 27 -17.97 18.42 10.09
N GLY A 28 -17.39 19.03 11.12
CA GLY A 28 -16.22 19.88 10.93
C GLY A 28 -14.93 19.07 10.86
N HIS A 29 -14.01 19.50 10.01
CA HIS A 29 -12.66 18.93 9.97
C HIS A 29 -11.90 19.28 11.25
N ASP A 30 -11.26 18.28 11.85
CA ASP A 30 -10.27 18.53 12.89
C ASP A 30 -9.10 17.56 12.67
N GLY A 31 -7.97 18.09 12.17
CA GLY A 31 -6.87 17.23 11.75
C GLY A 31 -7.40 16.27 10.70
N PHE A 32 -7.09 14.99 10.86
CA PHE A 32 -7.52 14.01 9.89
C PHE A 32 -8.82 13.31 10.31
N THR A 33 -9.55 13.97 11.20
CA THR A 33 -10.77 13.44 11.80
C THR A 33 -11.97 14.34 11.46
N TYR A 34 -13.17 13.90 11.83
CA TYR A 34 -14.37 14.73 11.74
C TYR A 34 -15.04 14.83 13.10
N THR A 35 -15.50 16.04 13.44
CA THR A 35 -16.13 16.34 14.73
C THR A 35 -17.65 16.17 14.70
N GLY A 36 -18.21 15.82 15.86
CA GLY A 36 -19.65 15.89 16.06
C GLY A 36 -20.37 14.56 15.93
N SER A 37 -21.68 14.61 16.08
CA SER A 37 -22.54 13.42 16.12
C SER A 37 -22.55 12.64 14.81
N THR A 38 -22.47 11.33 14.94
CA THR A 38 -22.65 10.45 13.79
C THR A 38 -24.12 10.49 13.40
N VAL A 39 -24.40 10.25 12.12
CA VAL A 39 -25.77 10.21 11.64
C VAL A 39 -26.15 8.81 11.16
N THR A 40 -25.15 8.05 10.71
CA THR A 40 -25.36 6.71 10.17
C THR A 40 -25.24 5.60 11.22
N GLU A 41 -26.22 4.70 11.18
CA GLU A 41 -26.24 3.51 12.04
C GLU A 41 -24.95 2.70 11.99
N GLY A 42 -24.52 2.28 13.17
CA GLY A 42 -23.31 1.50 13.34
C GLY A 42 -22.04 2.31 13.51
N PHE A 43 -22.03 3.55 13.01
CA PHE A 43 -20.86 4.44 13.17
C PHE A 43 -20.71 4.91 14.61
N THR A 44 -19.48 5.01 15.11
CA THR A 44 -19.29 5.56 16.47
C THR A 44 -18.52 6.89 16.49
N GLN A 45 -17.69 7.10 15.48
CA GLN A 45 -17.17 8.42 15.11
C GLN A 45 -17.45 8.65 13.64
N VAL A 46 -17.45 9.91 13.21
CA VAL A 46 -17.79 10.20 11.81
C VAL A 46 -16.77 9.58 10.86
N ARG A 47 -15.51 9.57 11.26
CA ARG A 47 -14.48 8.77 10.60
C ARG A 47 -13.97 7.69 11.57
N GLN A 48 -13.93 6.44 11.08
CA GLN A 48 -13.45 5.25 11.79
C GLN A 48 -12.56 4.47 10.82
N LYS A 49 -11.76 3.57 11.39
CA LYS A 49 -10.86 2.73 10.60
C LYS A 49 -11.65 1.91 9.58
N GLY A 50 -11.19 1.95 8.33
CA GLY A 50 -11.63 1.01 7.34
C GLY A 50 -11.40 -0.40 7.85
N GLU A 51 -12.35 -1.27 7.58
CA GLU A 51 -12.21 -2.66 8.01
C GLU A 51 -12.33 -3.63 6.83
N SER A 52 -11.51 -4.68 6.92
CA SER A 52 -11.53 -5.77 5.95
C SER A 52 -11.73 -7.09 6.69
N ILE A 53 -12.06 -8.14 5.92
CA ILE A 53 -11.97 -9.53 6.38
C ILE A 53 -11.18 -10.31 5.35
N SER A 54 -9.94 -10.64 5.70
CA SER A 54 -9.17 -11.62 4.94
C SER A 54 -9.84 -12.98 5.07
N VAL A 55 -10.17 -13.54 3.90
CA VAL A 55 -10.66 -14.90 3.76
C VAL A 55 -9.58 -15.84 3.15
N LEU A 56 -9.19 -16.84 3.93
CA LEU A 56 -8.26 -17.89 3.50
C LEU A 56 -8.94 -19.25 3.29
N LEU A 57 -8.81 -19.79 2.08
CA LEU A 57 -9.14 -21.19 1.82
C LEU A 57 -7.89 -22.05 1.80
N VAL A 58 -7.78 -22.94 2.78
CA VAL A 58 -6.72 -23.94 2.80
C VAL A 58 -7.18 -25.05 1.85
N LEU A 59 -6.39 -25.36 0.82
CA LEU A 59 -6.73 -26.44 -0.12
C LEU A 59 -6.03 -27.72 0.36
N GLU A 60 -6.41 -28.88 -0.18
CA GLU A 60 -5.84 -30.16 0.31
C GLU A 60 -4.35 -30.35 0.01
N ASP A 61 -3.84 -29.63 -0.98
CA ASP A 61 -2.42 -29.70 -1.25
C ASP A 61 -1.61 -28.79 -0.32
N GLY A 62 -2.30 -28.03 0.54
CA GLY A 62 -1.62 -27.15 1.48
C GLY A 62 -1.35 -25.72 1.04
N GLN A 63 -1.72 -25.38 -0.19
CA GLN A 63 -1.78 -23.98 -0.65
C GLN A 63 -2.88 -23.19 0.06
N VAL A 64 -2.70 -21.88 0.20
CA VAL A 64 -3.71 -21.03 0.86
C VAL A 64 -4.21 -19.93 -0.05
N ALA A 65 -5.45 -20.07 -0.52
CA ALA A 65 -6.11 -19.01 -1.32
C ALA A 65 -6.50 -17.86 -0.37
N HIS A 66 -6.32 -16.62 -0.84
CA HIS A 66 -6.51 -15.43 -0.04
C HIS A 66 -7.37 -14.41 -0.79
N GLY A 67 -8.52 -14.08 -0.23
CA GLY A 67 -9.34 -13.00 -0.75
C GLY A 67 -9.67 -12.04 0.39
N ASP A 68 -9.90 -10.78 0.06
CA ASP A 68 -10.19 -9.76 1.07
C ASP A 68 -11.55 -9.12 0.86
N CYS A 69 -12.42 -9.32 1.84
CA CYS A 69 -13.69 -8.62 1.94
C CYS A 69 -13.41 -7.14 2.23
N ALA A 70 -14.03 -6.25 1.45
CA ALA A 70 -13.84 -4.82 1.64
C ALA A 70 -15.01 -4.05 1.06
N ALA A 71 -15.31 -2.91 1.68
CA ALA A 71 -16.37 -2.05 1.18
C ALA A 71 -15.82 -0.65 0.91
N VAL A 72 -16.67 0.14 0.26
CA VAL A 72 -16.30 1.54 -0.04
C VAL A 72 -16.12 2.32 1.27
N ALA A 73 -15.47 3.49 1.19
CA ALA A 73 -15.28 4.35 2.37
C ALA A 73 -16.60 4.85 2.95
N TYR A 74 -17.59 5.13 2.10
CA TYR A 74 -18.91 5.51 2.55
C TYR A 74 -19.78 4.27 2.83
N SER A 75 -19.17 3.32 3.52
CA SER A 75 -19.87 2.13 3.97
C SER A 75 -21.11 2.56 4.76
N GLY A 76 -22.27 1.97 4.45
CA GLY A 76 -23.49 2.24 5.22
C GLY A 76 -24.27 3.45 4.74
N ALA A 77 -23.78 4.08 3.68
CA ALA A 77 -24.41 5.29 3.16
C ALA A 77 -25.67 4.90 2.36
N GLY A 78 -26.30 5.86 1.68
CA GLY A 78 -27.54 5.61 0.94
C GLY A 78 -27.40 4.60 -0.20
N GLY A 79 -28.27 3.58 -0.20
CA GLY A 79 -28.25 2.55 -1.25
C GLY A 79 -27.15 1.53 -1.03
N ARG A 80 -26.66 1.50 0.20
CA ARG A 80 -25.54 0.65 0.55
C ARG A 80 -25.92 -0.32 1.62
N ASP A 81 -25.14 -1.39 1.69
CA ASP A 81 -25.26 -2.39 2.73
C ASP A 81 -24.72 -1.75 4.03
N PRO A 82 -25.15 -2.27 5.19
CA PRO A 82 -24.76 -1.78 6.52
C PRO A 82 -23.25 -1.67 6.68
N LEU A 83 -22.81 -0.78 7.58
CA LEU A 83 -21.39 -0.53 7.83
C LEU A 83 -20.65 -1.85 7.99
N PHE A 84 -19.66 -2.06 7.12
CA PHE A 84 -18.92 -3.32 7.10
C PHE A 84 -17.90 -3.45 8.23
N LEU A 85 -18.38 -3.66 9.46
CA LEU A 85 -17.49 -3.92 10.58
C LEU A 85 -17.12 -5.39 10.62
N ALA A 86 -15.83 -5.70 10.70
CA ALA A 86 -15.38 -7.11 10.73
C ALA A 86 -16.14 -7.91 11.76
N LYS A 87 -16.08 -7.47 13.03
CA LYS A 87 -16.79 -8.14 14.13
C LYS A 87 -18.27 -8.41 13.85
N ASP A 88 -18.88 -7.66 12.94
CA ASP A 88 -20.30 -7.87 12.62
C ASP A 88 -20.49 -9.00 11.61
N PHE A 89 -19.45 -9.28 10.83
CA PHE A 89 -19.63 -10.09 9.64
C PHE A 89 -18.80 -11.36 9.55
N ILE A 90 -17.69 -11.42 10.28
CA ILE A 90 -16.93 -12.65 10.42
C ILE A 90 -17.82 -13.83 10.88
N PRO A 91 -18.71 -13.61 11.87
CA PRO A 91 -19.52 -14.76 12.29
C PRO A 91 -20.51 -15.23 11.22
N VAL A 92 -20.98 -14.31 10.39
CA VAL A 92 -21.84 -14.65 9.26
C VAL A 92 -21.08 -15.61 8.34
N ILE A 93 -19.86 -15.24 7.98
CA ILE A 93 -19.00 -16.10 7.14
C ILE A 93 -18.81 -17.45 7.81
N GLU A 94 -18.36 -17.41 9.07
CA GLU A 94 -18.01 -18.61 9.84
C GLU A 94 -19.17 -19.57 10.02
N LYS A 95 -20.37 -19.02 10.25
CA LYS A 95 -21.53 -19.84 10.48
C LYS A 95 -22.17 -20.29 9.17
N GLU A 96 -22.31 -19.39 8.21
CA GLU A 96 -23.18 -19.66 7.06
C GLU A 96 -22.45 -20.02 5.77
N ILE A 97 -21.20 -19.60 5.62
CA ILE A 97 -20.51 -19.83 4.35
C ILE A 97 -19.36 -20.83 4.44
N ALA A 98 -18.62 -20.78 5.55
CA ALA A 98 -17.53 -21.74 5.78
C ALA A 98 -17.98 -23.20 5.65
N PRO A 99 -19.11 -23.59 6.27
CA PRO A 99 -19.58 -24.96 6.10
C PRO A 99 -19.86 -25.32 4.64
N LYS A 100 -20.22 -24.34 3.82
CA LYS A 100 -20.53 -24.56 2.41
C LYS A 100 -19.28 -24.62 1.53
N LEU A 101 -18.17 -24.09 2.03
CA LEU A 101 -16.89 -24.08 1.34
C LEU A 101 -15.99 -25.22 1.78
N ILE A 102 -16.00 -25.54 3.07
CA ILE A 102 -15.25 -26.69 3.57
C ILE A 102 -15.85 -27.97 2.95
N GLY A 103 -15.01 -28.69 2.19
CA GLY A 103 -15.46 -29.89 1.50
C GLY A 103 -15.83 -29.70 0.05
N ARG A 104 -15.87 -28.45 -0.40
CA ARG A 104 -16.28 -28.12 -1.77
C ARG A 104 -15.17 -28.37 -2.78
N GLU A 105 -15.54 -29.00 -3.88
CA GLU A 105 -14.65 -29.27 -4.98
C GLU A 105 -14.43 -28.00 -5.79
N ILE A 106 -13.17 -27.76 -6.12
CA ILE A 106 -12.84 -26.72 -7.08
C ILE A 106 -13.06 -27.22 -8.51
N THR A 107 -14.04 -26.60 -9.16
CA THR A 107 -14.44 -26.98 -10.50
C THR A 107 -13.91 -25.89 -11.43
N ASN A 108 -14.78 -24.96 -11.84
CA ASN A 108 -14.39 -23.73 -12.53
C ASN A 108 -14.73 -22.48 -11.70
N PHE A 109 -14.04 -21.37 -11.95
CA PHE A 109 -14.33 -20.11 -11.23
C PHE A 109 -15.79 -19.65 -11.40
N LYS A 110 -16.27 -19.63 -12.63
CA LYS A 110 -17.58 -19.07 -12.97
C LYS A 110 -18.77 -19.62 -12.17
N PRO A 111 -18.96 -20.95 -12.14
CA PRO A 111 -20.13 -21.45 -11.38
C PRO A 111 -19.97 -21.31 -9.86
N MET A 112 -18.73 -21.42 -9.38
CA MET A 112 -18.44 -21.33 -7.96
C MET A 112 -18.73 -19.91 -7.48
N ALA A 113 -18.23 -18.92 -8.21
CA ALA A 113 -18.45 -17.52 -7.88
C ALA A 113 -19.92 -17.14 -7.95
N GLU A 114 -20.63 -17.63 -8.97
CA GLU A 114 -22.05 -17.35 -9.11
C GLU A 114 -22.87 -17.93 -7.94
N GLU A 115 -22.61 -19.20 -7.59
CA GLU A 115 -23.25 -19.82 -6.42
C GLU A 115 -23.08 -18.94 -5.16
N PHE A 116 -21.83 -18.61 -4.84
CA PHE A 116 -21.54 -17.81 -3.66
C PHE A 116 -21.94 -16.36 -3.74
N ASP A 117 -21.93 -15.78 -4.95
CA ASP A 117 -22.49 -14.45 -5.18
C ASP A 117 -23.97 -14.37 -4.92
N LYS A 118 -24.72 -15.38 -5.36
CA LYS A 118 -26.18 -15.33 -5.30
C LYS A 118 -26.73 -16.02 -4.06
N MET A 119 -25.82 -16.65 -3.31
CA MET A 119 -26.16 -17.38 -2.10
C MET A 119 -26.98 -16.51 -1.15
N THR A 120 -27.97 -17.11 -0.50
CA THR A 120 -28.82 -16.38 0.44
C THR A 120 -28.67 -16.89 1.88
N VAL A 121 -29.04 -16.06 2.85
CA VAL A 121 -29.11 -16.47 4.26
C VAL A 121 -30.45 -16.03 4.82
N ASN A 122 -31.17 -16.99 5.39
CA ASN A 122 -32.57 -16.79 5.82
C ASN A 122 -33.35 -15.98 4.77
N GLY A 123 -33.09 -16.31 3.50
CA GLY A 123 -33.79 -15.71 2.37
C GLY A 123 -33.17 -14.45 1.81
N ASN A 124 -32.25 -13.86 2.56
CA ASN A 124 -31.63 -12.58 2.20
C ASN A 124 -30.26 -12.72 1.54
N ARG A 125 -30.00 -11.88 0.55
CA ARG A 125 -28.69 -11.80 -0.11
C ARG A 125 -27.57 -11.44 0.88
N LEU A 126 -26.35 -11.89 0.61
CA LEU A 126 -25.20 -11.53 1.47
C LEU A 126 -24.70 -10.13 1.19
N HIS A 127 -24.11 -9.50 2.21
CA HIS A 127 -23.42 -8.22 2.11
C HIS A 127 -22.48 -8.24 0.92
N THR A 128 -22.44 -7.13 0.19
CA THR A 128 -21.61 -7.05 -1.02
C THR A 128 -20.12 -7.28 -0.76
N ALA A 129 -19.66 -6.86 0.42
CA ALA A 129 -18.26 -7.00 0.82
C ALA A 129 -17.86 -8.45 1.05
N ILE A 130 -18.73 -9.23 1.68
CA ILE A 130 -18.50 -10.66 1.86
C ILE A 130 -18.45 -11.34 0.51
N ARG A 131 -19.44 -11.07 -0.34
CA ARG A 131 -19.44 -11.64 -1.68
C ARG A 131 -18.15 -11.29 -2.40
N TYR A 132 -17.68 -10.07 -2.19
CA TYR A 132 -16.48 -9.50 -2.82
C TYR A 132 -15.29 -10.34 -2.41
N GLY A 133 -15.12 -10.48 -1.09
CA GLY A 133 -14.04 -11.23 -0.49
C GLY A 133 -14.05 -12.71 -0.81
N ILE A 134 -15.21 -13.35 -0.69
CA ILE A 134 -15.35 -14.80 -0.94
C ILE A 134 -14.98 -15.14 -2.38
N THR A 135 -15.55 -14.42 -3.34
CA THR A 135 -15.25 -14.67 -4.76
C THR A 135 -13.80 -14.41 -5.10
N GLN A 136 -13.18 -13.42 -4.46
CA GLN A 136 -11.74 -13.25 -4.68
C GLN A 136 -11.00 -14.52 -4.30
N ALA A 137 -11.32 -15.02 -3.11
CA ALA A 137 -10.71 -16.20 -2.56
C ALA A 137 -10.92 -17.39 -3.47
N ILE A 138 -12.14 -17.54 -3.98
CA ILE A 138 -12.45 -18.59 -4.95
C ILE A 138 -11.61 -18.45 -6.21
N LEU A 139 -11.63 -17.28 -6.84
CA LEU A 139 -10.76 -17.03 -8.00
C LEU A 139 -9.28 -17.46 -7.80
N ASP A 140 -8.68 -17.03 -6.69
CA ASP A 140 -7.30 -17.40 -6.30
C ASP A 140 -7.16 -18.94 -6.10
N ALA A 141 -8.15 -19.58 -5.48
CA ALA A 141 -8.21 -21.05 -5.34
C ALA A 141 -8.15 -21.75 -6.70
N VAL A 142 -9.00 -21.30 -7.60
CA VAL A 142 -9.01 -21.82 -8.96
C VAL A 142 -7.64 -21.64 -9.62
N ALA A 143 -7.04 -20.45 -9.51
CA ALA A 143 -5.73 -20.17 -10.11
C ALA A 143 -4.65 -21.08 -9.55
N LYS A 144 -4.66 -21.27 -8.22
CA LYS A 144 -3.67 -22.09 -7.54
C LYS A 144 -3.86 -23.57 -7.81
N THR A 145 -5.10 -24.01 -7.99
CA THR A 145 -5.32 -25.40 -8.42
C THR A 145 -4.76 -25.66 -9.83
N ARG A 146 -5.08 -24.77 -10.76
CA ARG A 146 -4.64 -24.83 -12.16
C ARG A 146 -3.16 -24.45 -12.37
N LYS A 147 -2.48 -24.01 -11.31
CA LYS A 147 -1.13 -23.41 -11.37
C LYS A 147 -0.95 -22.35 -12.48
N VAL A 148 -1.91 -21.41 -12.55
CA VAL A 148 -1.88 -20.31 -13.53
C VAL A 148 -2.21 -19.00 -12.79
N THR A 149 -2.03 -17.85 -13.46
CA THR A 149 -2.46 -16.58 -12.86
C THR A 149 -3.98 -16.47 -12.75
N MET A 150 -4.43 -15.60 -11.85
CA MET A 150 -5.84 -15.24 -11.76
C MET A 150 -6.38 -14.64 -13.05
N ALA A 151 -5.54 -13.83 -13.71
CA ALA A 151 -5.85 -13.29 -15.04
C ALA A 151 -6.13 -14.38 -16.05
N GLU A 152 -5.32 -15.42 -16.06
CA GLU A 152 -5.52 -16.51 -17.03
C GLU A 152 -6.80 -17.30 -16.80
N VAL A 153 -7.18 -17.50 -15.54
CA VAL A 153 -8.43 -18.17 -15.21
C VAL A 153 -9.60 -17.36 -15.78
N ILE A 154 -9.62 -16.06 -15.48
CA ILE A 154 -10.69 -15.15 -15.94
C ILE A 154 -10.71 -15.04 -17.47
N ARG A 155 -9.53 -14.89 -18.07
CA ARG A 155 -9.43 -14.89 -19.54
C ARG A 155 -10.01 -16.18 -20.09
N ASP A 156 -9.62 -17.32 -19.53
CA ASP A 156 -10.10 -18.60 -20.03
C ASP A 156 -11.61 -18.71 -20.01
N GLU A 157 -12.22 -18.21 -18.95
CA GLU A 157 -13.63 -18.45 -18.69
C GLU A 157 -14.57 -17.36 -19.20
N TYR A 158 -14.03 -16.15 -19.37
CA TYR A 158 -14.81 -14.97 -19.80
C TYR A 158 -14.33 -14.35 -21.11
N ASN A 159 -13.05 -14.57 -21.43
CA ASN A 159 -12.46 -13.90 -22.60
C ASN A 159 -11.60 -14.87 -23.44
N PRO A 160 -12.21 -15.99 -23.92
CA PRO A 160 -11.45 -17.08 -24.57
C PRO A 160 -10.69 -16.63 -25.80
N GLY A 161 -9.41 -17.00 -25.87
CA GLY A 161 -8.58 -16.72 -27.05
C GLY A 161 -7.94 -15.34 -27.06
N ALA A 162 -8.20 -14.56 -26.01
CA ALA A 162 -7.67 -13.21 -25.93
C ALA A 162 -6.26 -13.26 -25.38
N GLU A 163 -5.43 -12.31 -25.81
CA GLU A 163 -4.17 -12.06 -25.15
C GLU A 163 -4.46 -11.25 -23.91
N ILE A 164 -3.51 -11.28 -22.98
CA ILE A 164 -3.60 -10.56 -21.73
C ILE A 164 -2.49 -9.52 -21.79
N ASN A 165 -2.89 -8.27 -21.70
CA ASN A 165 -1.93 -7.19 -21.87
C ASN A 165 -1.94 -6.31 -20.65
N ALA A 166 -0.97 -5.37 -20.60
CA ALA A 166 -0.98 -4.31 -19.61
C ALA A 166 -2.22 -3.46 -19.85
N VAL A 167 -2.69 -2.82 -18.78
CA VAL A 167 -3.88 -1.98 -18.78
C VAL A 167 -3.48 -0.65 -18.19
N PRO A 168 -3.91 0.46 -18.81
CA PRO A 168 -3.64 1.78 -18.25
C PRO A 168 -4.07 1.92 -16.79
N VAL A 169 -3.17 2.47 -15.99
CA VAL A 169 -3.36 2.63 -14.57
C VAL A 169 -3.80 4.06 -14.31
N PHE A 170 -4.93 4.20 -13.60
CA PHE A 170 -5.54 5.48 -13.23
C PHE A 170 -5.32 5.78 -11.73
N ALA A 171 -4.77 6.96 -11.45
CA ALA A 171 -4.54 7.41 -10.06
C ALA A 171 -5.46 8.56 -9.64
N GLN A 172 -5.95 8.47 -8.40
CA GLN A 172 -6.80 9.47 -7.69
C GLN A 172 -5.93 10.39 -6.84
N SER A 173 -6.31 11.66 -6.78
CA SER A 173 -5.55 12.67 -6.04
C SER A 173 -6.20 13.00 -4.70
N GLY A 174 -7.51 12.77 -4.61
CA GLY A 174 -8.34 13.37 -3.58
C GLY A 174 -8.23 14.87 -3.70
N ASP A 175 -8.36 15.58 -2.58
CA ASP A 175 -8.31 17.04 -2.56
C ASP A 175 -6.93 17.64 -2.83
N ASP A 176 -5.88 16.91 -2.44
CA ASP A 176 -4.53 17.38 -2.66
C ASP A 176 -4.27 17.26 -4.17
N ARG A 177 -4.96 18.08 -4.96
CA ARG A 177 -4.97 17.89 -6.40
C ARG A 177 -3.75 18.50 -7.09
N TYR A 178 -2.81 18.98 -6.29
CA TYR A 178 -1.60 19.57 -6.83
C TYR A 178 -0.37 18.70 -6.60
N ASP A 179 -0.09 18.40 -5.34
CA ASP A 179 1.09 17.62 -4.98
C ASP A 179 0.96 16.16 -5.38
N ASN A 180 -0.24 15.60 -5.22
CA ASN A 180 -0.51 14.25 -5.71
C ASN A 180 -0.40 14.12 -7.22
N VAL A 181 -0.67 15.21 -7.96
CA VAL A 181 -0.42 15.24 -9.40
C VAL A 181 1.06 15.03 -9.68
N ASP A 182 1.91 15.74 -8.92
CA ASP A 182 3.36 15.57 -9.05
C ASP A 182 3.75 14.09 -8.92
N LYS A 183 3.27 13.46 -7.85
CA LYS A 183 3.47 12.02 -7.64
C LYS A 183 3.18 11.21 -8.89
N MET A 184 1.97 11.40 -9.41
CA MET A 184 1.48 10.61 -10.55
C MET A 184 2.38 10.79 -11.76
N ILE A 185 2.91 12.00 -11.95
CA ILE A 185 3.79 12.28 -13.10
C ILE A 185 5.12 11.54 -12.89
N ILE A 186 5.61 11.54 -11.65
CA ILE A 186 6.88 10.88 -11.33
C ILE A 186 6.75 9.34 -11.39
N LYS A 187 5.57 8.82 -11.04
CA LYS A 187 5.28 7.39 -11.11
C LYS A 187 4.69 6.99 -12.48
N GLU A 188 4.49 7.97 -13.37
CA GLU A 188 4.08 7.74 -14.76
C GLU A 188 2.70 7.11 -14.87
N ALA A 189 1.74 7.73 -14.18
CA ALA A 189 0.36 7.25 -14.24
C ALA A 189 -0.13 7.38 -15.67
N ASP A 190 -0.76 6.32 -16.16
CA ASP A 190 -1.32 6.35 -17.52
C ASP A 190 -2.56 7.24 -17.61
N VAL A 191 -3.31 7.34 -16.52
CA VAL A 191 -4.52 8.15 -16.48
C VAL A 191 -4.52 8.85 -15.14
N LEU A 192 -4.95 10.11 -15.14
CA LEU A 192 -4.88 10.96 -13.96
C LEU A 192 -5.71 12.21 -14.17
N PRO A 193 -5.94 12.99 -13.08
CA PRO A 193 -5.71 12.76 -11.66
C PRO A 193 -6.95 12.48 -10.80
N HIS A 194 -8.13 12.41 -11.43
CA HIS A 194 -9.47 12.42 -10.77
C HIS A 194 -9.84 13.83 -10.29
N ALA A 195 -9.02 14.35 -9.38
CA ALA A 195 -9.06 15.76 -8.95
C ALA A 195 -10.22 16.15 -8.02
N LEU A 196 -11.20 15.25 -7.80
CA LEU A 196 -12.27 15.48 -6.81
C LEU A 196 -12.92 16.87 -6.90
N ILE A 197 -13.38 17.18 -8.12
CA ILE A 197 -14.08 18.41 -8.40
C ILE A 197 -15.54 18.14 -8.01
N ASN A 198 -15.81 18.29 -6.72
CA ASN A 198 -17.06 17.87 -6.10
C ASN A 198 -17.87 19.04 -5.53
N ASN A 199 -17.52 20.26 -5.94
CA ASN A 199 -18.14 21.48 -5.42
C ASN A 199 -18.18 22.53 -6.53
N VAL A 200 -19.33 23.19 -6.68
CA VAL A 200 -19.60 24.13 -7.77
C VAL A 200 -18.76 25.41 -7.66
N GLU A 201 -18.84 26.06 -6.51
CA GLU A 201 -18.20 27.36 -6.31
C GLU A 201 -16.71 27.27 -5.96
N GLU A 202 -16.34 26.29 -5.13
CA GLU A 202 -14.96 26.18 -4.65
C GLU A 202 -14.01 25.49 -5.61
N LYS A 203 -14.56 24.62 -6.46
CA LYS A 203 -13.72 23.67 -7.18
C LYS A 203 -13.83 23.73 -8.70
N LEU A 204 -15.06 23.62 -9.21
CA LEU A 204 -15.33 23.82 -10.63
C LEU A 204 -15.22 25.30 -10.99
N GLY A 205 -15.75 26.15 -10.11
CA GLY A 205 -15.97 27.57 -10.42
C GLY A 205 -17.41 27.74 -10.89
N LEU A 206 -18.01 28.91 -10.62
CA LEU A 206 -19.39 29.17 -11.04
C LEU A 206 -19.58 29.10 -12.55
N LYS A 207 -18.65 29.70 -13.29
CA LYS A 207 -18.70 29.71 -14.74
C LYS A 207 -17.65 28.73 -15.29
N GLY A 208 -17.27 27.78 -14.44
CA GLY A 208 -16.32 26.73 -14.79
C GLY A 208 -14.86 27.15 -14.75
N GLU A 209 -14.63 28.45 -14.53
CA GLU A 209 -13.30 29.06 -14.63
C GLU A 209 -12.18 28.40 -13.81
N LYS A 210 -12.52 27.87 -12.65
CA LYS A 210 -11.53 27.19 -11.79
C LYS A 210 -11.02 25.87 -12.40
N LEU A 211 -11.94 25.00 -12.82
CA LEU A 211 -11.55 23.76 -13.49
C LEU A 211 -10.74 24.05 -14.75
N LEU A 212 -11.21 25.01 -15.55
CA LEU A 212 -10.47 25.41 -16.75
C LEU A 212 -9.01 25.74 -16.42
N GLU A 213 -8.83 26.60 -15.42
CA GLU A 213 -7.50 27.01 -14.93
C GLU A 213 -6.70 25.83 -14.36
N TYR A 214 -7.36 24.95 -13.60
CA TYR A 214 -6.73 23.73 -13.10
C TYR A 214 -6.27 22.83 -14.25
N VAL A 215 -7.12 22.66 -15.26
CA VAL A 215 -6.72 21.94 -16.48
C VAL A 215 -5.43 22.48 -17.10
N LYS A 216 -5.38 23.79 -17.31
CA LYS A 216 -4.19 24.49 -17.82
C LYS A 216 -2.96 24.18 -16.98
N TRP A 217 -3.13 24.28 -15.66
CA TRP A 217 -2.05 23.99 -14.73
C TRP A 217 -1.57 22.54 -14.85
N LEU A 218 -2.53 21.62 -14.94
CA LEU A 218 -2.25 20.20 -15.04
C LEU A 218 -1.41 19.86 -16.28
N ARG A 219 -1.82 20.44 -17.41
CA ARG A 219 -1.12 20.34 -18.68
C ARG A 219 0.33 20.87 -18.61
N ASP A 220 0.50 22.02 -17.99
CA ASP A 220 1.84 22.60 -17.86
C ASP A 220 2.68 21.77 -16.89
N ARG A 221 2.06 21.32 -15.81
CA ARG A 221 2.74 20.51 -14.80
C ARG A 221 3.40 19.24 -15.39
N ILE A 222 2.68 18.60 -16.32
CA ILE A 222 3.16 17.36 -16.93
C ILE A 222 4.33 17.65 -17.87
N ILE A 223 4.17 18.68 -18.70
CA ILE A 223 5.23 19.14 -19.58
C ILE A 223 6.45 19.59 -18.74
N LYS A 224 6.19 20.25 -17.61
CA LYS A 224 7.26 20.65 -16.69
C LYS A 224 8.06 19.45 -16.15
N LEU A 225 7.38 18.53 -15.46
CA LEU A 225 8.08 17.54 -14.64
C LEU A 225 8.41 16.18 -15.27
N ARG A 226 7.79 15.84 -16.39
CA ARG A 226 7.99 14.50 -16.96
C ARG A 226 9.46 14.24 -17.27
N VAL A 227 9.94 13.06 -16.88
CA VAL A 227 11.34 12.64 -17.12
C VAL A 227 11.64 12.46 -18.61
N ARG A 228 10.64 11.96 -19.35
CA ARG A 228 10.76 11.73 -20.78
C ARG A 228 9.60 12.35 -21.55
N GLU A 229 9.96 13.06 -22.61
CA GLU A 229 9.07 13.89 -23.41
C GLU A 229 7.82 13.18 -23.96
N ASP A 230 7.95 11.89 -24.26
CA ASP A 230 6.83 11.14 -24.85
C ASP A 230 5.85 10.53 -23.84
N TYR A 231 6.02 10.88 -22.57
CA TYR A 231 5.01 10.58 -21.56
C TYR A 231 3.83 11.50 -21.83
N ALA A 232 2.74 10.94 -22.34
CA ALA A 232 1.54 11.72 -22.59
C ALA A 232 0.31 11.04 -21.95
N PRO A 233 0.10 11.28 -20.65
CA PRO A 233 -0.99 10.63 -19.95
C PRO A 233 -2.36 11.12 -20.40
N ILE A 234 -3.41 10.41 -20.01
CA ILE A 234 -4.78 10.83 -20.31
C ILE A 234 -5.39 11.52 -19.08
N PHE A 235 -5.98 12.69 -19.30
CA PHE A 235 -6.66 13.45 -18.24
C PHE A 235 -7.99 12.77 -17.94
N HIS A 236 -8.29 12.60 -16.67
CA HIS A 236 -9.56 12.04 -16.23
C HIS A 236 -9.95 12.80 -14.99
N ILE A 237 -10.95 13.67 -15.13
CA ILE A 237 -11.44 14.49 -14.01
C ILE A 237 -12.89 14.16 -13.63
N ASP A 238 -13.10 13.88 -12.33
CA ASP A 238 -14.44 13.66 -11.79
C ASP A 238 -15.06 14.96 -11.31
N VAL A 239 -16.22 15.31 -11.87
CA VAL A 239 -16.86 16.59 -11.57
C VAL A 239 -18.16 16.50 -10.77
N TYR A 240 -18.54 15.30 -10.36
CA TYR A 240 -19.66 15.08 -9.40
C TYR A 240 -20.92 15.84 -9.77
N GLY A 241 -21.29 15.78 -11.04
CA GLY A 241 -22.51 16.42 -11.57
C GLY A 241 -22.43 17.93 -11.72
N THR A 242 -21.34 18.52 -11.27
CA THR A 242 -21.29 19.98 -11.18
C THR A 242 -21.31 20.69 -12.52
N ILE A 243 -20.81 20.07 -13.59
CA ILE A 243 -20.95 20.71 -14.90
C ILE A 243 -22.45 20.84 -15.22
N GLY A 244 -23.21 19.78 -14.94
CA GLY A 244 -24.65 19.82 -15.02
C GLY A 244 -25.27 20.98 -14.26
N ALA A 245 -24.95 21.11 -12.97
CA ALA A 245 -25.54 22.14 -12.11
C ALA A 245 -25.17 23.57 -12.53
N ALA A 246 -23.91 23.81 -12.84
CA ALA A 246 -23.45 25.16 -13.21
C ALA A 246 -24.00 25.62 -14.56
N PHE A 247 -24.34 24.66 -15.41
CA PHE A 247 -24.82 24.97 -16.75
C PHE A 247 -26.26 24.52 -16.99
N ASP A 248 -26.98 24.30 -15.89
CA ASP A 248 -28.41 24.00 -15.93
C ASP A 248 -28.73 22.78 -16.78
N VAL A 249 -27.81 21.82 -16.75
CA VAL A 249 -27.86 20.58 -17.54
C VAL A 249 -28.18 20.79 -19.04
N ASP A 250 -28.00 22.02 -19.53
CA ASP A 250 -28.18 22.36 -20.95
C ASP A 250 -27.10 21.66 -21.77
N ILE A 251 -27.51 20.81 -22.69
CA ILE A 251 -26.55 20.00 -23.46
C ILE A 251 -25.55 20.86 -24.23
N LYS A 252 -26.06 21.85 -24.96
CA LYS A 252 -25.22 22.74 -25.77
C LYS A 252 -24.14 23.44 -24.92
N ALA A 253 -24.58 24.03 -23.80
CA ALA A 253 -23.71 24.75 -22.87
C ALA A 253 -22.63 23.86 -22.29
N MET A 254 -23.00 22.62 -21.96
CA MET A 254 -22.09 21.64 -21.40
C MET A 254 -21.08 21.21 -22.45
N ALA A 255 -21.60 20.95 -23.66
CA ALA A 255 -20.76 20.58 -24.77
C ALA A 255 -19.74 21.68 -25.04
N ASP A 256 -20.21 22.93 -25.03
CA ASP A 256 -19.34 24.10 -25.21
C ASP A 256 -18.25 24.18 -24.13
N TYR A 257 -18.64 23.97 -22.86
CA TYR A 257 -17.70 24.09 -21.75
C TYR A 257 -16.64 22.98 -21.74
N ILE A 258 -17.03 21.76 -22.10
CA ILE A 258 -16.06 20.66 -22.14
C ILE A 258 -15.10 20.86 -23.34
N GLN A 259 -15.60 21.41 -24.44
CA GLN A 259 -14.74 21.79 -25.57
C GLN A 259 -13.56 22.68 -25.13
N THR A 260 -13.82 23.59 -24.20
CA THR A 260 -12.79 24.53 -23.73
C THR A 260 -11.76 23.85 -22.82
N LEU A 261 -12.22 22.96 -21.94
CA LEU A 261 -11.32 22.08 -21.19
C LEU A 261 -10.50 21.24 -22.16
N ALA A 262 -11.17 20.61 -23.11
CA ALA A 262 -10.50 19.82 -24.15
C ALA A 262 -9.39 20.61 -24.86
N GLU A 263 -9.71 21.85 -25.24
CA GLU A 263 -8.75 22.74 -25.90
C GLU A 263 -7.58 23.09 -24.95
N ALA A 264 -7.92 23.37 -23.70
CA ALA A 264 -6.93 23.65 -22.65
C ALA A 264 -6.10 22.45 -22.21
N ALA A 265 -6.54 21.24 -22.55
CA ALA A 265 -5.81 20.02 -22.18
C ALA A 265 -4.86 19.54 -23.26
N LYS A 266 -5.12 19.91 -24.52
CA LYS A 266 -4.25 19.59 -25.65
C LYS A 266 -2.81 19.98 -25.30
N PRO A 267 -1.81 19.10 -25.56
CA PRO A 267 -1.77 17.83 -26.29
C PRO A 267 -2.41 16.61 -25.60
N PHE A 268 -2.92 16.79 -24.39
CA PHE A 268 -3.43 15.69 -23.58
C PHE A 268 -4.94 15.41 -23.74
N HIS A 269 -5.26 14.14 -23.94
CA HIS A 269 -6.62 13.70 -24.16
C HIS A 269 -7.42 13.74 -22.85
N LEU A 270 -8.67 14.18 -22.94
CA LEU A 270 -9.48 14.41 -21.74
C LEU A 270 -10.71 13.50 -21.60
N ARG A 271 -10.89 13.02 -20.37
CA ARG A 271 -12.07 12.27 -19.98
C ARG A 271 -12.70 13.04 -18.83
N ILE A 272 -14.00 13.23 -18.89
CA ILE A 272 -14.70 13.88 -17.78
C ILE A 272 -15.66 12.87 -17.23
N GLU A 273 -15.49 12.52 -15.96
CA GLU A 273 -16.45 11.65 -15.28
C GLU A 273 -17.59 12.41 -14.62
N GLY A 274 -18.79 11.80 -14.63
CA GLY A 274 -20.00 12.40 -14.07
C GLY A 274 -20.37 13.83 -14.45
N PRO A 275 -20.30 14.17 -15.75
CA PRO A 275 -20.54 15.56 -16.12
C PRO A 275 -21.79 16.11 -15.46
N MET A 276 -22.90 15.38 -15.56
CA MET A 276 -24.11 15.76 -14.84
C MET A 276 -24.51 14.64 -13.85
N ASP A 277 -25.46 14.96 -12.97
CA ASP A 277 -26.01 14.02 -12.00
C ASP A 277 -27.46 14.44 -11.77
N VAL A 278 -28.38 13.79 -12.48
CA VAL A 278 -29.79 14.21 -12.43
C VAL A 278 -30.70 13.45 -11.45
N GLU A 279 -32.00 13.39 -11.75
CA GLU A 279 -33.02 12.96 -10.81
C GLU A 279 -33.25 11.45 -10.71
N ASP A 280 -33.01 10.75 -11.82
CA ASP A 280 -33.21 9.31 -11.87
C ASP A 280 -32.31 8.68 -12.91
N ARG A 281 -32.18 7.35 -12.88
CA ARG A 281 -31.32 6.62 -13.81
C ARG A 281 -31.68 6.87 -15.28
N GLN A 282 -32.98 6.97 -15.58
CA GLN A 282 -33.43 7.09 -16.95
C GLN A 282 -33.00 8.42 -17.50
N LYS A 283 -33.34 9.48 -16.78
CA LYS A 283 -32.86 10.81 -17.15
C LYS A 283 -31.34 10.93 -17.10
N GLN A 284 -30.67 10.11 -16.27
CA GLN A 284 -29.20 10.14 -16.26
C GLN A 284 -28.63 9.55 -17.56
N MET A 285 -29.20 8.44 -18.00
CA MET A 285 -28.77 7.81 -19.23
C MET A 285 -28.97 8.76 -20.41
N GLU A 286 -30.14 9.42 -20.43
CA GLU A 286 -30.47 10.36 -21.50
C GLU A 286 -29.53 11.56 -21.61
N ALA A 287 -29.04 12.05 -20.47
CA ALA A 287 -28.22 13.26 -20.43
C ALA A 287 -26.83 12.92 -20.89
N MET A 288 -26.32 11.81 -20.36
CA MET A 288 -25.08 11.19 -20.82
C MET A 288 -25.10 10.91 -22.31
N ARG A 289 -26.17 10.27 -22.80
CA ARG A 289 -26.30 9.91 -24.22
C ARG A 289 -26.31 11.13 -25.13
N ASP A 290 -27.19 12.08 -24.82
CA ASP A 290 -27.33 13.32 -25.59
C ASP A 290 -26.10 14.19 -25.54
N LEU A 291 -25.46 14.30 -24.38
CA LEU A 291 -24.19 15.04 -24.29
C LEU A 291 -23.08 14.41 -25.15
N ARG A 292 -22.98 13.07 -25.12
CA ARG A 292 -22.03 12.35 -25.97
C ARG A 292 -22.36 12.58 -27.45
N ALA A 293 -23.66 12.59 -27.76
CA ALA A 293 -24.14 12.83 -29.13
C ALA A 293 -23.60 14.16 -29.67
N GLU A 294 -23.78 15.22 -28.90
CA GLU A 294 -23.31 16.55 -29.25
C GLU A 294 -21.79 16.60 -29.48
N LEU A 295 -21.02 16.12 -28.51
CA LEU A 295 -19.56 16.07 -28.63
C LEU A 295 -19.10 15.27 -29.85
N ASP A 296 -19.66 14.06 -30.03
CA ASP A 296 -19.29 13.20 -31.15
C ASP A 296 -19.62 13.86 -32.50
N GLY A 297 -20.85 14.37 -32.62
CA GLY A 297 -21.30 15.11 -33.81
C GLY A 297 -20.48 16.34 -34.13
N ARG A 298 -20.02 17.02 -33.08
CA ARG A 298 -19.12 18.20 -33.19
C ARG A 298 -17.63 17.84 -33.24
N GLY A 299 -17.32 16.54 -33.11
CA GLY A 299 -15.94 16.08 -33.24
C GLY A 299 -14.97 16.55 -32.17
N VAL A 300 -15.50 17.00 -31.02
CA VAL A 300 -14.67 17.23 -29.85
C VAL A 300 -14.27 15.87 -29.27
N ASP A 301 -12.99 15.53 -29.40
CA ASP A 301 -12.48 14.26 -28.89
C ASP A 301 -12.14 14.35 -27.40
N ALA A 302 -13.19 14.51 -26.60
CA ALA A 302 -13.15 14.37 -25.16
C ALA A 302 -14.23 13.38 -24.76
N GLU A 303 -13.94 12.54 -23.76
CA GLU A 303 -14.83 11.44 -23.41
C GLU A 303 -15.59 11.72 -22.12
N LEU A 304 -16.74 11.07 -22.00
CA LEU A 304 -17.55 11.16 -20.80
C LEU A 304 -17.56 9.82 -20.08
N VAL A 305 -17.26 9.84 -18.78
CA VAL A 305 -17.23 8.60 -18.01
C VAL A 305 -18.46 8.52 -17.12
N ALA A 306 -19.30 7.50 -17.29
CA ALA A 306 -20.47 7.32 -16.41
C ALA A 306 -20.11 6.85 -15.01
N ASP A 307 -20.96 7.23 -14.06
CA ASP A 307 -20.76 6.88 -12.67
C ASP A 307 -22.11 6.91 -12.00
N GLU A 308 -22.58 8.11 -11.67
CA GLU A 308 -23.81 8.27 -10.91
C GLU A 308 -24.99 7.59 -11.65
N TRP A 309 -25.79 6.84 -10.89
CA TRP A 309 -26.94 6.04 -11.40
C TRP A 309 -26.60 4.81 -12.24
N CYS A 310 -25.30 4.57 -12.47
CA CYS A 310 -24.83 3.36 -13.14
C CYS A 310 -24.07 2.50 -12.13
N ASN A 311 -24.77 1.50 -11.58
CA ASN A 311 -24.34 0.79 -10.39
C ASN A 311 -24.20 -0.71 -10.60
N THR A 312 -25.31 -1.38 -10.89
CA THR A 312 -25.30 -2.83 -11.11
C THR A 312 -24.95 -3.20 -12.55
N VAL A 313 -24.87 -4.50 -12.79
CA VAL A 313 -24.55 -5.05 -14.11
C VAL A 313 -25.64 -4.70 -15.14
N GLU A 314 -26.91 -4.70 -14.71
CA GLU A 314 -28.01 -4.30 -15.59
C GLU A 314 -27.89 -2.81 -15.97
N ASP A 315 -27.46 -2.00 -15.01
CA ASP A 315 -27.16 -0.58 -15.22
C ASP A 315 -26.04 -0.40 -16.25
N VAL A 316 -24.96 -1.16 -16.11
CA VAL A 316 -23.84 -1.11 -17.06
C VAL A 316 -24.33 -1.52 -18.45
N LYS A 317 -25.14 -2.57 -18.49
CA LYS A 317 -25.83 -3.00 -19.74
C LYS A 317 -26.74 -1.89 -20.30
N PHE A 318 -27.50 -1.25 -19.41
CA PHE A 318 -28.31 -0.10 -19.76
C PHE A 318 -27.53 1.08 -20.35
N PHE A 319 -26.42 1.46 -19.70
CA PHE A 319 -25.62 2.58 -20.19
C PHE A 319 -24.88 2.22 -21.49
N THR A 320 -24.44 0.96 -21.59
CA THR A 320 -23.84 0.42 -22.83
C THR A 320 -24.80 0.44 -24.02
N ASP A 321 -26.00 -0.10 -23.83
CA ASP A 321 -26.98 -0.24 -24.92
C ASP A 321 -27.38 1.11 -25.53
N ASN A 322 -27.32 2.18 -24.72
CA ASN A 322 -27.77 3.49 -25.12
C ASN A 322 -26.64 4.51 -25.33
N LYS A 323 -25.42 4.00 -25.50
CA LYS A 323 -24.19 4.82 -25.65
C LYS A 323 -24.12 6.05 -24.74
N ALA A 324 -24.41 5.84 -23.46
CA ALA A 324 -24.51 6.93 -22.50
C ALA A 324 -23.15 7.21 -21.87
N GLY A 325 -22.29 7.90 -22.61
CA GLY A 325 -20.91 8.09 -22.25
C GLY A 325 -20.02 7.23 -23.12
N HIS A 326 -18.71 7.42 -23.00
CA HIS A 326 -17.73 6.72 -23.83
C HIS A 326 -17.07 5.59 -23.02
N MET A 327 -17.15 5.73 -21.70
CA MET A 327 -16.58 4.80 -20.74
C MET A 327 -17.56 4.68 -19.59
N VAL A 328 -17.52 3.52 -18.93
CA VAL A 328 -18.40 3.25 -17.81
C VAL A 328 -17.55 2.72 -16.65
N GLN A 329 -17.81 3.25 -15.46
CA GLN A 329 -17.14 2.82 -14.25
C GLN A 329 -17.71 1.51 -13.74
N ILE A 330 -16.88 0.47 -13.76
CA ILE A 330 -17.23 -0.81 -13.17
C ILE A 330 -16.82 -0.73 -11.71
N LYS A 331 -17.82 -0.65 -10.82
CA LYS A 331 -17.57 -0.36 -9.41
C LYS A 331 -17.30 -1.63 -8.64
N THR A 332 -16.04 -2.04 -8.62
CA THR A 332 -15.68 -3.41 -8.17
C THR A 332 -16.18 -3.81 -6.80
N PRO A 333 -15.96 -2.97 -5.76
CA PRO A 333 -16.45 -3.37 -4.43
C PRO A 333 -17.98 -3.52 -4.41
N ASP A 334 -18.66 -2.66 -5.14
CA ASP A 334 -20.11 -2.57 -5.06
C ASP A 334 -20.82 -3.73 -5.73
N LEU A 335 -20.13 -4.37 -6.67
CA LEU A 335 -20.75 -5.41 -7.50
C LEU A 335 -20.83 -6.78 -6.81
N GLY A 336 -20.24 -6.89 -5.61
CA GLY A 336 -20.29 -8.16 -4.86
C GLY A 336 -19.33 -9.17 -5.47
N GLY A 337 -19.87 -10.27 -6.00
CA GLY A 337 -19.04 -11.29 -6.64
C GLY A 337 -18.17 -10.70 -7.74
N VAL A 338 -16.87 -11.01 -7.70
CA VAL A 338 -15.93 -10.47 -8.69
C VAL A 338 -16.14 -11.06 -10.08
N ASN A 339 -16.91 -12.14 -10.14
CA ASN A 339 -17.41 -12.62 -11.43
C ASN A 339 -18.23 -11.56 -12.15
N ASN A 340 -18.87 -10.67 -11.41
CA ASN A 340 -19.69 -9.62 -12.03
C ASN A 340 -18.87 -8.54 -12.73
N ILE A 341 -17.64 -8.33 -12.27
CA ILE A 341 -16.70 -7.43 -12.96
C ILE A 341 -16.38 -7.95 -14.36
N ALA A 342 -16.13 -9.25 -14.47
CA ALA A 342 -15.82 -9.88 -15.75
C ALA A 342 -17.02 -9.73 -16.69
N ASP A 343 -18.23 -10.05 -16.19
CA ASP A 343 -19.48 -9.90 -16.97
C ASP A 343 -19.74 -8.48 -17.45
N ALA A 344 -19.45 -7.48 -16.60
CA ALA A 344 -19.70 -6.10 -16.97
C ALA A 344 -18.66 -5.60 -17.99
N ILE A 345 -17.38 -5.82 -17.73
CA ILE A 345 -16.36 -5.45 -18.70
C ILE A 345 -16.68 -6.07 -20.07
N MET A 346 -16.85 -7.39 -20.10
CA MET A 346 -17.08 -8.13 -21.35
C MET A 346 -18.33 -7.70 -22.08
N TYR A 347 -19.32 -7.20 -21.35
CA TYR A 347 -20.47 -6.64 -22.04
C TYR A 347 -20.04 -5.35 -22.74
N CYS A 348 -19.37 -4.47 -21.99
CA CYS A 348 -18.86 -3.21 -22.51
C CYS A 348 -18.01 -3.39 -23.77
N LYS A 349 -17.21 -4.44 -23.79
CA LYS A 349 -16.33 -4.66 -24.92
C LYS A 349 -16.97 -5.33 -26.12
N ALA A 350 -18.05 -6.08 -25.87
CA ALA A 350 -18.88 -6.62 -26.94
C ALA A 350 -19.67 -5.53 -27.67
N ASN A 351 -19.93 -4.41 -26.99
CA ASN A 351 -20.76 -3.34 -27.57
C ASN A 351 -20.07 -1.97 -27.66
N GLY A 352 -18.74 -1.97 -27.61
CA GLY A 352 -17.93 -0.79 -27.90
C GLY A 352 -18.09 0.36 -26.92
N MET A 353 -18.27 0.00 -25.66
CA MET A 353 -18.27 0.94 -24.56
C MET A 353 -16.96 0.73 -23.80
N GLY A 354 -16.26 1.82 -23.48
CA GLY A 354 -15.05 1.74 -22.65
C GLY A 354 -15.37 1.16 -21.27
N ALA A 355 -14.51 0.27 -20.80
CA ALA A 355 -14.70 -0.34 -19.48
C ALA A 355 -13.65 0.17 -18.49
N TYR A 356 -14.12 0.83 -17.44
CA TYR A 356 -13.23 1.38 -16.44
C TYR A 356 -13.26 0.49 -15.20
N CYS A 357 -12.20 -0.30 -15.02
CA CYS A 357 -12.18 -1.26 -13.92
C CYS A 357 -11.76 -0.54 -12.64
N GLY A 358 -12.76 -0.13 -11.85
CA GLY A 358 -12.53 0.77 -10.72
C GLY A 358 -12.14 0.13 -9.41
N GLY A 359 -12.75 0.61 -8.33
CA GLY A 359 -12.44 0.19 -6.97
C GLY A 359 -12.62 1.32 -5.97
N THR A 360 -12.02 1.16 -4.79
CA THR A 360 -12.08 2.16 -3.74
C THR A 360 -10.75 2.39 -3.00
N CSO A 361 -10.55 3.60 -2.47
CA CSO A 361 -9.40 3.88 -1.61
CB CSO A 361 -9.29 5.39 -1.30
SG CSO A 361 -10.81 5.99 -0.52
C CSO A 361 -9.48 3.05 -0.32
O CSO A 361 -8.49 2.89 0.38
OD CSO A 361 -11.16 7.65 -1.11
N ASN A 362 -10.66 2.49 -0.05
CA ASN A 362 -10.95 1.82 1.21
C ASN A 362 -10.98 0.29 1.16
N GLU A 363 -10.48 -0.29 0.07
CA GLU A 363 -10.32 -1.74 0.00
C GLU A 363 -8.89 -2.09 0.41
N THR A 364 -8.34 -3.19 -0.10
CA THR A 364 -7.07 -3.70 0.40
C THR A 364 -6.04 -3.92 -0.70
N ASN A 365 -4.80 -4.15 -0.27
CA ASN A 365 -3.72 -4.55 -1.17
C ASN A 365 -4.05 -5.82 -1.95
N ARG A 366 -4.74 -6.74 -1.31
CA ARG A 366 -5.10 -7.99 -1.95
C ARG A 366 -6.29 -7.88 -2.89
N SER A 367 -7.36 -7.19 -2.48
CA SER A 367 -8.51 -7.04 -3.35
C SER A 367 -8.07 -6.32 -4.63
N ALA A 368 -7.21 -5.31 -4.49
CA ALA A 368 -6.67 -4.60 -5.64
C ALA A 368 -5.88 -5.52 -6.58
N GLU A 369 -5.04 -6.42 -6.04
CA GLU A 369 -4.32 -7.35 -6.89
C GLU A 369 -5.29 -8.21 -7.70
N VAL A 370 -6.31 -8.77 -7.05
CA VAL A 370 -7.34 -9.62 -7.69
C VAL A 370 -8.12 -8.93 -8.80
N THR A 371 -8.73 -7.78 -8.50
CA THR A 371 -9.53 -7.09 -9.51
C THR A 371 -8.67 -6.51 -10.63
N THR A 372 -7.39 -6.18 -10.33
CA THR A 372 -6.42 -5.81 -11.34
C THR A 372 -6.26 -6.94 -12.36
N ASN A 373 -6.13 -8.17 -11.85
CA ASN A 373 -6.12 -9.37 -12.69
C ASN A 373 -7.33 -9.52 -13.61
N ILE A 374 -8.52 -9.29 -13.08
CA ILE A 374 -9.75 -9.35 -13.84
C ILE A 374 -9.75 -8.31 -14.97
N GLY A 375 -9.27 -7.12 -14.65
CA GLY A 375 -9.18 -6.00 -15.59
C GLY A 375 -8.29 -6.36 -16.77
N MET A 376 -7.10 -6.86 -16.48
CA MET A 376 -6.18 -7.31 -17.49
C MET A 376 -6.78 -8.40 -18.37
N ALA A 377 -7.42 -9.37 -17.74
CA ALA A 377 -7.97 -10.52 -18.45
C ALA A 377 -9.04 -10.15 -19.47
N CYS A 378 -9.90 -9.18 -19.13
CA CYS A 378 -11.00 -8.78 -19.99
C CYS A 378 -10.62 -7.60 -20.87
N GLY A 379 -9.36 -7.19 -20.75
CA GLY A 379 -8.82 -6.03 -21.47
C GLY A 379 -9.54 -4.73 -21.20
N ALA A 380 -9.69 -4.37 -19.92
CA ALA A 380 -10.23 -3.07 -19.52
C ALA A 380 -9.53 -1.91 -20.21
N ARG A 381 -10.23 -0.78 -20.29
CA ARG A 381 -9.63 0.46 -20.77
C ARG A 381 -8.64 1.05 -19.74
N GLN A 382 -8.99 0.92 -18.47
CA GLN A 382 -8.14 1.36 -17.35
C GLN A 382 -8.51 0.64 -16.05
N VAL A 383 -7.56 0.61 -15.11
CA VAL A 383 -7.80 0.09 -13.75
C VAL A 383 -7.44 1.18 -12.73
N LEU A 384 -8.16 1.19 -11.63
CA LEU A 384 -7.86 2.10 -10.52
C LEU A 384 -6.63 1.64 -9.72
N ALA A 385 -5.70 2.57 -9.46
CA ALA A 385 -4.58 2.31 -8.57
C ALA A 385 -5.14 2.45 -7.17
N LYS A 386 -4.91 1.43 -6.35
CA LYS A 386 -5.64 1.30 -5.09
C LYS A 386 -5.06 0.21 -4.21
N PRO A 387 -5.42 0.19 -2.92
CA PRO A 387 -6.26 1.15 -2.20
C PRO A 387 -5.41 2.34 -1.72
N GLY A 388 -6.00 3.19 -0.87
CA GLY A 388 -5.28 4.26 -0.18
C GLY A 388 -5.20 5.57 -0.92
N MET A 389 -5.05 6.66 -0.18
N MET A 389 -5.05 6.65 -0.16
CA MET A 389 -4.91 8.01 -0.78
CA MET A 389 -4.90 8.00 -0.70
C MET A 389 -3.46 8.43 -0.96
C MET A 389 -3.47 8.50 -0.62
N GLY A 390 -2.52 7.57 -0.56
CA GLY A 390 -1.10 7.90 -0.63
C GLY A 390 -0.64 8.03 -2.07
N VAL A 391 -1.38 7.39 -2.98
CA VAL A 391 -1.05 7.27 -4.42
C VAL A 391 0.11 6.30 -4.71
N ASP A 392 1.29 6.57 -4.15
CA ASP A 392 2.46 5.69 -4.36
C ASP A 392 2.13 4.20 -4.14
N GLU A 393 1.58 3.89 -2.97
CA GLU A 393 1.26 2.53 -2.60
C GLU A 393 0.24 1.83 -3.54
N GLY A 394 -0.86 2.50 -3.89
CA GLY A 394 -1.86 1.94 -4.79
C GLY A 394 -1.34 1.72 -6.22
N MET A 395 -0.46 2.60 -6.66
N MET A 395 -0.44 2.60 -6.66
CA MET A 395 0.22 2.43 -7.95
CA MET A 395 0.22 2.45 -7.95
C MET A 395 1.16 1.24 -7.92
C MET A 395 1.17 1.25 -7.92
N MET A 396 1.92 1.10 -6.83
CA MET A 396 2.87 -0.03 -6.65
C MET A 396 2.13 -1.38 -6.65
N ILE A 397 1.08 -1.49 -5.82
CA ILE A 397 0.32 -2.73 -5.70
C ILE A 397 -0.22 -3.13 -7.03
N VAL A 398 -0.95 -2.24 -7.67
CA VAL A 398 -1.62 -2.50 -8.93
C VAL A 398 -0.66 -2.75 -10.10
N LYS A 399 0.35 -1.90 -10.22
CA LYS A 399 1.31 -1.96 -11.33
C LYS A 399 2.38 -3.04 -11.18
N ASN A 400 2.84 -3.26 -9.95
CA ASN A 400 3.76 -4.38 -9.72
C ASN A 400 3.06 -5.72 -9.91
N GLU A 401 1.79 -5.82 -9.52
CA GLU A 401 1.01 -7.05 -9.79
C GLU A 401 0.88 -7.21 -11.30
N MET A 402 0.47 -6.14 -11.97
CA MET A 402 0.34 -6.16 -13.42
C MET A 402 1.59 -6.74 -14.11
N ASN A 403 2.77 -6.20 -13.81
CA ASN A 403 4.04 -6.62 -14.45
C ASN A 403 4.43 -8.09 -14.22
N ARG A 404 4.12 -8.60 -13.04
CA ARG A 404 4.43 -9.98 -12.68
C ARG A 404 3.53 -10.93 -13.44
N VAL A 405 2.24 -10.58 -13.50
CA VAL A 405 1.26 -11.38 -14.22
C VAL A 405 1.63 -11.45 -15.69
N LEU A 406 2.01 -10.33 -16.30
CA LEU A 406 2.49 -10.38 -17.69
C LEU A 406 3.75 -11.24 -17.85
N ALA A 407 4.71 -11.11 -16.95
CA ALA A 407 5.92 -11.96 -17.02
C ALA A 407 5.57 -13.46 -17.00
N LEU A 408 4.58 -13.82 -16.18
CA LEU A 408 4.17 -15.22 -16.04
C LEU A 408 3.43 -15.78 -17.25
N VAL A 409 2.50 -14.98 -17.79
CA VAL A 409 1.75 -15.32 -19.01
C VAL A 409 2.68 -15.50 -20.19
N GLY A 410 3.63 -14.58 -20.32
CA GLY A 410 4.59 -14.58 -21.44
C GLY A 410 5.43 -15.84 -21.38
N ARG A 411 5.74 -16.28 -20.16
CA ARG A 411 6.46 -17.51 -19.93
C ARG A 411 5.59 -18.68 -20.39
N ARG A 412 4.31 -18.65 -20.03
CA ARG A 412 3.41 -19.76 -20.35
C ARG A 412 3.18 -19.84 -21.85
N LYS A 413 3.24 -18.69 -22.53
CA LYS A 413 3.13 -18.62 -23.98
C LYS A 413 4.31 -19.29 -24.72
N LYS A 414 5.46 -19.37 -24.06
CA LYS A 414 6.67 -19.96 -24.66
C LYS A 414 6.95 -21.41 -24.23
N LEU A 415 6.19 -21.90 -23.25
CA LEU A 415 6.42 -23.23 -22.68
C LEU A 415 6.31 -24.35 -23.71
N MET B 1 11.85 -30.32 -4.00
CA MET B 1 11.27 -29.36 -4.95
C MET B 1 12.37 -28.59 -5.64
N LYS B 2 12.40 -28.66 -6.96
CA LYS B 2 13.36 -27.90 -7.73
C LYS B 2 12.79 -26.55 -8.14
N ILE B 3 13.69 -25.57 -8.30
CA ILE B 3 13.38 -24.34 -9.03
C ILE B 3 13.59 -24.59 -10.53
N VAL B 4 12.59 -24.25 -11.34
CA VAL B 4 12.63 -24.54 -12.78
C VAL B 4 12.76 -23.26 -13.60
N ASP B 5 12.37 -22.12 -13.02
CA ASP B 5 12.51 -20.85 -13.71
C ASP B 5 12.63 -19.66 -12.78
N VAL B 6 13.19 -18.60 -13.33
CA VAL B 6 13.43 -17.36 -12.64
C VAL B 6 13.02 -16.22 -13.57
N LEU B 7 12.00 -15.47 -13.16
CA LEU B 7 11.59 -14.26 -13.88
C LEU B 7 11.85 -12.98 -13.08
N CYS B 8 12.16 -11.90 -13.80
CA CYS B 8 12.38 -10.56 -13.21
C CYS B 8 11.51 -9.53 -13.91
N THR B 9 10.78 -8.74 -13.12
CA THR B 9 10.09 -7.56 -13.65
C THR B 9 10.44 -6.31 -12.87
N PRO B 10 10.66 -5.19 -13.59
CA PRO B 10 10.93 -3.95 -12.86
C PRO B 10 9.63 -3.50 -12.21
N GLY B 11 9.73 -2.61 -11.24
CA GLY B 11 8.56 -2.19 -10.51
C GLY B 11 8.64 -0.89 -9.74
N LEU B 12 7.52 -0.58 -9.10
CA LEU B 12 7.46 0.60 -8.26
C LEU B 12 7.68 0.20 -6.78
N THR B 13 7.79 1.23 -5.94
CA THR B 13 7.98 1.08 -4.51
C THR B 13 6.97 2.01 -3.89
N GLY B 14 6.95 2.10 -2.56
CA GLY B 14 5.99 2.93 -1.87
C GLY B 14 6.39 4.38 -1.75
N PHE B 15 7.55 4.73 -2.32
CA PHE B 15 8.04 6.10 -2.28
C PHE B 15 8.98 6.48 -3.44
N TYR B 16 10.04 7.23 -3.12
CA TYR B 16 10.91 7.86 -4.12
C TYR B 16 12.40 7.60 -3.90
N PHE B 17 13.16 7.64 -4.99
CA PHE B 17 14.60 7.80 -4.86
C PHE B 17 14.90 9.29 -4.70
N ASP B 18 15.51 9.63 -3.57
CA ASP B 18 15.90 11.00 -3.31
C ASP B 18 17.41 11.16 -3.31
N ASP B 19 17.89 12.09 -4.12
CA ASP B 19 19.28 12.52 -4.10
C ASP B 19 19.59 13.28 -2.80
N GLN B 20 20.05 12.56 -1.77
CA GLN B 20 20.37 13.19 -0.47
C GLN B 20 21.47 14.25 -0.57
N ARG B 21 22.54 13.95 -1.29
CA ARG B 21 23.63 14.89 -1.49
C ARG B 21 23.15 16.23 -2.07
N ALA B 22 22.25 16.17 -3.06
CA ALA B 22 21.58 17.37 -3.58
C ALA B 22 20.71 18.08 -2.55
N ILE B 23 19.92 17.32 -1.79
CA ILE B 23 19.03 17.91 -0.78
C ILE B 23 19.84 18.63 0.30
N LYS B 24 20.92 18.00 0.76
CA LYS B 24 21.77 18.58 1.82
C LYS B 24 22.58 19.78 1.34
N LYS B 25 22.80 19.89 0.03
CA LYS B 25 23.51 21.05 -0.51
C LYS B 25 22.59 22.27 -0.68
N GLY B 26 21.28 22.05 -0.69
CA GLY B 26 20.33 23.15 -0.70
C GLY B 26 19.26 23.11 -1.79
N ALA B 27 18.88 21.90 -2.20
CA ALA B 27 17.88 21.72 -3.24
C ALA B 27 16.55 22.35 -2.82
N GLY B 28 16.00 23.17 -3.71
CA GLY B 28 14.78 23.92 -3.40
C GLY B 28 13.52 23.07 -3.52
N HIS B 29 12.38 23.65 -3.16
CA HIS B 29 11.11 22.97 -3.28
C HIS B 29 10.29 23.49 -4.47
N ASP B 30 9.48 22.61 -5.04
CA ASP B 30 8.49 22.95 -6.06
C ASP B 30 7.42 21.86 -6.03
N GLY B 31 6.29 22.15 -5.40
CA GLY B 31 5.26 21.14 -5.19
C GLY B 31 5.80 19.99 -4.37
N PHE B 32 5.62 18.77 -4.85
CA PHE B 32 6.14 17.56 -4.19
C PHE B 32 7.55 17.20 -4.66
N THR B 33 8.12 18.04 -5.53
CA THR B 33 9.43 17.82 -6.15
C THR B 33 10.50 18.73 -5.54
N TYR B 34 11.75 18.34 -5.74
CA TYR B 34 12.93 19.15 -5.40
C TYR B 34 13.41 19.85 -6.65
N THR B 35 14.18 20.92 -6.51
CA THR B 35 14.70 21.64 -7.67
C THR B 35 16.22 21.70 -7.73
N GLY B 36 16.73 22.12 -8.89
CA GLY B 36 18.16 22.32 -9.09
C GLY B 36 18.86 21.10 -9.66
N SER B 37 20.19 21.18 -9.68
CA SER B 37 21.05 20.15 -10.24
C SER B 37 21.10 18.89 -9.39
N THR B 38 21.28 17.76 -10.06
CA THR B 38 21.51 16.49 -9.36
C THR B 38 22.99 16.40 -9.01
N VAL B 39 23.28 15.90 -7.82
CA VAL B 39 24.65 15.71 -7.37
C VAL B 39 25.09 14.25 -7.49
N THR B 40 24.18 13.32 -7.19
CA THR B 40 24.51 11.88 -7.11
C THR B 40 24.43 11.16 -8.48
N GLU B 41 25.49 10.41 -8.80
CA GLU B 41 25.60 9.65 -10.05
C GLU B 41 24.36 8.79 -10.30
N GLY B 42 23.87 8.85 -11.52
CA GLY B 42 22.72 8.04 -11.90
C GLY B 42 21.42 8.79 -11.87
N PHE B 43 21.29 9.76 -10.96
CA PHE B 43 20.07 10.57 -10.84
C PHE B 43 19.86 11.48 -12.04
N THR B 44 18.63 11.49 -12.54
CA THR B 44 18.23 12.40 -13.61
C THR B 44 17.48 13.58 -13.04
N GLN B 45 16.82 13.36 -11.90
CA GLN B 45 16.22 14.43 -11.09
C GLN B 45 16.57 14.17 -9.63
N VAL B 46 16.51 15.22 -8.82
CA VAL B 46 16.76 15.12 -7.38
C VAL B 46 15.75 14.15 -6.75
N ARG B 47 14.49 14.26 -7.15
CA ARG B 47 13.44 13.29 -6.80
C ARG B 47 12.92 12.55 -8.03
N GLN B 48 13.00 11.23 -7.98
CA GLN B 48 12.48 10.40 -9.07
C GLN B 48 11.83 9.14 -8.49
N LYS B 49 11.11 8.39 -9.32
CA LYS B 49 10.41 7.21 -8.83
C LYS B 49 11.38 6.24 -8.19
N GLY B 50 11.01 5.72 -7.02
CA GLY B 50 11.74 4.59 -6.44
C GLY B 50 11.42 3.35 -7.25
N GLU B 51 12.42 2.47 -7.43
CA GLU B 51 12.26 1.25 -8.23
C GLU B 51 12.51 -0.04 -7.45
N SER B 52 11.82 -1.09 -7.86
CA SER B 52 12.06 -2.45 -7.36
C SER B 52 12.28 -3.43 -8.52
N ILE B 53 12.68 -4.65 -8.18
CA ILE B 53 12.66 -5.76 -9.11
C ILE B 53 11.89 -6.88 -8.42
N SER B 54 10.79 -7.32 -9.02
CA SER B 54 10.14 -8.52 -8.50
C SER B 54 10.89 -9.75 -9.02
N VAL B 55 11.31 -10.62 -8.09
CA VAL B 55 11.96 -11.86 -8.44
C VAL B 55 10.98 -12.99 -8.21
N LEU B 56 10.72 -13.71 -9.30
CA LEU B 56 9.83 -14.85 -9.31
C LEU B 56 10.57 -16.18 -9.46
N LEU B 57 10.37 -17.09 -8.49
CA LEU B 57 10.89 -18.44 -8.59
C LEU B 57 9.72 -19.39 -8.92
N VAL B 58 9.70 -19.88 -10.16
CA VAL B 58 8.73 -20.90 -10.56
C VAL B 58 9.21 -22.24 -10.01
N LEU B 59 8.39 -22.86 -9.17
CA LEU B 59 8.70 -24.15 -8.56
C LEU B 59 8.20 -25.33 -9.40
N GLU B 60 8.81 -26.49 -9.15
CA GLU B 60 8.54 -27.73 -9.87
C GLU B 60 7.06 -28.10 -9.88
N ASP B 61 6.38 -27.89 -8.75
CA ASP B 61 4.95 -28.19 -8.62
C ASP B 61 4.07 -27.11 -9.24
N GLY B 62 4.69 -26.02 -9.72
CA GLY B 62 3.96 -24.96 -10.41
C GLY B 62 3.64 -23.74 -9.56
N GLN B 63 3.96 -23.78 -8.27
CA GLN B 63 3.81 -22.61 -7.39
C GLN B 63 4.86 -21.57 -7.78
N VAL B 64 4.62 -20.33 -7.39
CA VAL B 64 5.52 -19.21 -7.73
C VAL B 64 5.90 -18.45 -6.47
N ALA B 65 7.19 -18.46 -6.16
CA ALA B 65 7.74 -17.75 -5.03
C ALA B 65 8.06 -16.33 -5.45
N HIS B 66 7.90 -15.41 -4.52
CA HIS B 66 7.94 -14.00 -4.86
C HIS B 66 8.63 -13.17 -3.79
N GLY B 67 9.71 -12.51 -4.19
CA GLY B 67 10.37 -11.52 -3.35
C GLY B 67 10.66 -10.29 -4.19
N ASP B 68 10.79 -9.13 -3.53
CA ASP B 68 11.07 -7.87 -4.23
C ASP B 68 12.40 -7.25 -3.81
N CYS B 69 13.24 -6.96 -4.79
CA CYS B 69 14.45 -6.18 -4.59
C CYS B 69 14.05 -4.74 -4.36
N ALA B 70 14.54 -4.16 -3.26
CA ALA B 70 14.35 -2.72 -2.99
C ALA B 70 15.50 -2.13 -2.19
N ALA B 71 15.71 -0.83 -2.39
CA ALA B 71 16.65 -0.05 -1.60
C ALA B 71 15.95 1.10 -0.87
N VAL B 72 16.66 1.72 0.08
CA VAL B 72 16.16 2.94 0.77
C VAL B 72 15.87 4.08 -0.23
N ALA B 73 15.22 5.15 0.24
CA ALA B 73 14.99 6.33 -0.58
C ALA B 73 16.31 6.98 -0.98
N TYR B 74 17.24 7.05 -0.02
CA TYR B 74 18.54 7.67 -0.26
C TYR B 74 19.51 6.72 -0.97
N SER B 75 18.96 5.99 -1.96
CA SER B 75 19.71 5.09 -2.80
C SER B 75 20.92 5.78 -3.45
N GLY B 76 22.07 5.11 -3.40
CA GLY B 76 23.33 5.65 -3.90
C GLY B 76 23.92 6.81 -3.12
N ALA B 77 23.39 7.07 -1.92
CA ALA B 77 23.94 8.13 -1.08
C ALA B 77 25.20 7.62 -0.36
N GLY B 78 25.77 8.43 0.52
CA GLY B 78 26.96 8.03 1.27
C GLY B 78 26.94 6.60 1.80
N GLY B 79 27.99 5.85 1.48
CA GLY B 79 28.16 4.47 1.98
C GLY B 79 27.14 3.45 1.54
N ARG B 80 26.43 3.72 0.44
CA ARG B 80 25.44 2.78 -0.08
C ARG B 80 25.83 2.29 -1.46
N ASP B 81 25.22 1.18 -1.89
CA ASP B 81 25.42 0.68 -3.26
C ASP B 81 24.77 1.62 -4.29
N PRO B 82 25.19 1.54 -5.58
CA PRO B 82 24.68 2.47 -6.61
C PRO B 82 23.15 2.57 -6.73
N LEU B 83 22.66 3.69 -7.26
CA LEU B 83 21.22 3.93 -7.41
C LEU B 83 20.54 2.74 -8.05
N PHE B 84 19.55 2.20 -7.35
CA PHE B 84 18.95 0.93 -7.74
C PHE B 84 17.88 1.11 -8.83
N LEU B 85 18.35 1.41 -10.04
CA LEU B 85 17.52 1.46 -11.23
C LEU B 85 17.38 0.04 -11.74
N ALA B 86 16.15 -0.46 -11.74
CA ALA B 86 15.85 -1.81 -12.22
C ALA B 86 16.57 -2.12 -13.53
N LYS B 87 16.69 -1.12 -14.41
CA LYS B 87 17.33 -1.32 -15.71
C LYS B 87 18.80 -1.74 -15.59
N ASP B 88 19.49 -1.22 -14.58
CA ASP B 88 20.89 -1.49 -14.34
C ASP B 88 21.13 -2.84 -13.71
N PHE B 89 20.09 -3.40 -13.09
CA PHE B 89 20.26 -4.54 -12.19
C PHE B 89 19.50 -5.80 -12.53
N ILE B 90 18.48 -5.69 -13.39
CA ILE B 90 17.82 -6.87 -13.98
C ILE B 90 18.82 -7.77 -14.76
N PRO B 91 19.69 -7.17 -15.60
CA PRO B 91 20.67 -7.98 -16.33
C PRO B 91 21.62 -8.80 -15.44
N VAL B 92 22.02 -8.25 -14.30
CA VAL B 92 22.82 -9.05 -13.34
C VAL B 92 22.03 -10.29 -12.87
N ILE B 93 20.81 -10.09 -12.37
CA ILE B 93 19.97 -11.22 -11.90
C ILE B 93 19.78 -12.29 -12.99
N GLU B 94 19.44 -11.85 -14.21
CA GLU B 94 19.13 -12.77 -15.30
C GLU B 94 20.29 -13.60 -15.83
N LYS B 95 21.50 -13.06 -15.74
CA LYS B 95 22.68 -13.70 -16.35
C LYS B 95 23.63 -14.34 -15.34
N GLU B 96 23.61 -13.86 -14.10
CA GLU B 96 24.51 -14.34 -13.04
C GLU B 96 23.80 -15.13 -11.92
N ILE B 97 22.56 -14.77 -11.61
CA ILE B 97 21.82 -15.39 -10.50
C ILE B 97 20.84 -16.49 -10.96
N ALA B 98 20.03 -16.20 -11.98
CA ALA B 98 19.04 -17.16 -12.49
C ALA B 98 19.62 -18.55 -12.84
N PRO B 99 20.78 -18.59 -13.54
CA PRO B 99 21.40 -19.89 -13.80
C PRO B 99 21.90 -20.61 -12.55
N LYS B 100 22.14 -19.88 -11.47
CA LYS B 100 22.49 -20.54 -10.21
C LYS B 100 21.28 -21.11 -9.46
N LEU B 101 20.08 -20.69 -9.85
CA LEU B 101 18.86 -21.13 -9.18
C LEU B 101 18.08 -22.19 -9.96
N ILE B 102 18.08 -22.08 -11.29
CA ILE B 102 17.36 -23.02 -12.15
C ILE B 102 17.91 -24.44 -12.04
N GLY B 103 17.03 -25.36 -11.61
CA GLY B 103 17.39 -26.75 -11.39
C GLY B 103 17.87 -27.04 -9.99
N ARG B 104 17.97 -26.01 -9.15
CA ARG B 104 18.37 -26.21 -7.75
C ARG B 104 17.23 -26.88 -7.00
N GLU B 105 17.59 -27.91 -6.25
CA GLU B 105 16.68 -28.51 -5.31
C GLU B 105 16.59 -27.53 -4.14
N ILE B 106 15.38 -27.30 -3.67
CA ILE B 106 15.15 -26.41 -2.55
C ILE B 106 15.53 -27.12 -1.26
N THR B 107 16.45 -26.52 -0.52
CA THR B 107 16.98 -27.14 0.69
C THR B 107 16.41 -26.29 1.81
N ASN B 108 17.15 -26.06 2.89
CA ASN B 108 16.64 -25.16 3.92
C ASN B 108 16.84 -23.71 3.51
N PHE B 109 16.12 -22.80 4.15
CA PHE B 109 16.25 -21.40 3.84
C PHE B 109 17.62 -20.85 4.24
N LYS B 110 18.10 -21.20 5.43
CA LYS B 110 19.38 -20.67 5.93
C LYS B 110 20.60 -20.82 5.00
N PRO B 111 20.91 -22.07 4.57
CA PRO B 111 22.08 -22.22 3.71
C PRO B 111 21.96 -21.52 2.35
N MET B 112 20.79 -21.62 1.72
CA MET B 112 20.57 -21.06 0.39
C MET B 112 20.60 -19.53 0.42
N ALA B 113 19.96 -18.97 1.45
CA ALA B 113 19.99 -17.52 1.67
C ALA B 113 21.42 -17.04 1.87
N GLU B 114 22.19 -17.75 2.68
CA GLU B 114 23.58 -17.36 2.93
C GLU B 114 24.43 -17.48 1.66
N GLU B 115 24.19 -18.52 0.87
CA GLU B 115 24.92 -18.67 -0.40
C GLU B 115 24.69 -17.43 -1.26
N PHE B 116 23.42 -17.03 -1.39
CA PHE B 116 23.06 -15.94 -2.29
C PHE B 116 23.29 -14.53 -1.74
N ASP B 117 23.33 -14.41 -0.41
CA ASP B 117 23.72 -13.17 0.23
C ASP B 117 25.20 -12.82 0.04
N LYS B 118 26.07 -13.83 -0.06
CA LYS B 118 27.53 -13.59 -0.12
C LYS B 118 28.13 -13.79 -1.49
N MET B 119 27.33 -14.35 -2.39
CA MET B 119 27.77 -14.68 -3.74
C MET B 119 28.50 -13.50 -4.43
N THR B 120 29.55 -13.79 -5.18
CA THR B 120 30.26 -12.75 -5.93
C THR B 120 30.16 -12.95 -7.43
N VAL B 121 30.19 -11.84 -8.16
CA VAL B 121 30.32 -11.82 -9.62
C VAL B 121 31.53 -10.96 -9.97
N ASN B 122 32.53 -11.54 -10.65
CA ASN B 122 33.83 -10.89 -10.90
C ASN B 122 34.57 -10.56 -9.61
N GLY B 123 34.34 -11.38 -8.58
CA GLY B 123 34.92 -11.18 -7.26
C GLY B 123 34.26 -10.10 -6.42
N ASN B 124 33.25 -9.42 -6.98
CA ASN B 124 32.56 -8.32 -6.31
C ASN B 124 31.20 -8.73 -5.77
N ARG B 125 30.89 -8.32 -4.54
CA ARG B 125 29.61 -8.63 -3.91
C ARG B 125 28.42 -8.09 -4.70
N LEU B 126 27.24 -8.65 -4.45
CA LEU B 126 25.99 -8.18 -5.08
C LEU B 126 25.44 -6.95 -4.38
N HIS B 127 24.73 -6.12 -5.16
CA HIS B 127 24.00 -4.98 -4.63
C HIS B 127 23.04 -5.43 -3.52
N THR B 128 23.14 -4.78 -2.36
CA THR B 128 22.21 -5.05 -1.22
C THR B 128 20.74 -5.30 -1.62
N ALA B 129 20.22 -4.47 -2.54
CA ALA B 129 18.82 -4.60 -2.93
C ALA B 129 18.51 -5.94 -3.60
N ILE B 130 19.47 -6.46 -4.34
CA ILE B 130 19.33 -7.73 -5.02
C ILE B 130 19.31 -8.88 -4.02
N ARG B 131 20.26 -8.88 -3.11
CA ARG B 131 20.30 -9.81 -1.99
C ARG B 131 18.99 -9.78 -1.21
N TYR B 132 18.45 -8.57 -1.05
CA TYR B 132 17.18 -8.38 -0.38
C TYR B 132 16.07 -9.14 -1.12
N GLY B 133 15.97 -8.93 -2.42
CA GLY B 133 14.90 -9.57 -3.20
C GLY B 133 15.05 -11.07 -3.35
N ILE B 134 16.27 -11.50 -3.67
CA ILE B 134 16.52 -12.90 -4.00
C ILE B 134 16.27 -13.78 -2.78
N THR B 135 16.72 -13.34 -1.61
CA THR B 135 16.50 -14.12 -0.38
C THR B 135 15.04 -14.14 0.09
N GLN B 136 14.30 -13.06 -0.18
CA GLN B 136 12.85 -13.03 0.11
C GLN B 136 12.16 -14.09 -0.73
N ALA B 137 12.51 -14.13 -2.03
CA ALA B 137 12.05 -15.14 -2.97
C ALA B 137 12.38 -16.54 -2.45
N ILE B 138 13.62 -16.75 -2.00
CA ILE B 138 14.03 -18.05 -1.45
C ILE B 138 13.24 -18.44 -0.18
N LEU B 139 13.09 -17.50 0.75
CA LEU B 139 12.24 -17.77 1.91
C LEU B 139 10.85 -18.23 1.48
N ASP B 140 10.20 -17.45 0.59
CA ASP B 140 8.85 -17.77 0.07
C ASP B 140 8.81 -19.14 -0.61
N ALA B 141 9.93 -19.52 -1.23
CA ALA B 141 10.04 -20.82 -1.91
C ALA B 141 10.12 -21.97 -0.90
N VAL B 142 10.85 -21.75 0.18
CA VAL B 142 10.93 -22.75 1.23
C VAL B 142 9.53 -22.93 1.86
N ALA B 143 8.93 -21.81 2.23
CA ALA B 143 7.56 -21.79 2.81
C ALA B 143 6.51 -22.50 1.96
N LYS B 144 6.58 -22.34 0.64
CA LYS B 144 5.65 -22.97 -0.28
C LYS B 144 5.92 -24.46 -0.42
N THR B 145 7.19 -24.83 -0.51
CA THR B 145 7.60 -26.23 -0.53
C THR B 145 7.12 -26.99 0.71
N ARG B 146 7.32 -26.40 1.89
CA ARG B 146 6.96 -27.00 3.18
C ARG B 146 5.49 -26.77 3.61
N LYS B 147 4.76 -25.97 2.84
CA LYS B 147 3.32 -25.68 3.08
C LYS B 147 3.01 -25.02 4.45
N VAL B 148 3.87 -24.07 4.82
CA VAL B 148 3.74 -23.31 6.06
C VAL B 148 4.04 -21.83 5.78
N THR B 149 3.88 -20.98 6.79
CA THR B 149 4.17 -19.56 6.62
C THR B 149 5.66 -19.28 6.65
N MET B 150 6.07 -18.16 6.06
CA MET B 150 7.46 -17.75 6.12
C MET B 150 7.91 -17.58 7.57
N ALA B 151 7.04 -17.00 8.39
CA ALA B 151 7.31 -16.91 9.81
C ALA B 151 7.77 -18.26 10.36
N GLU B 152 6.94 -19.27 10.16
CA GLU B 152 7.21 -20.63 10.62
C GLU B 152 8.54 -21.20 10.12
N VAL B 153 8.88 -20.99 8.85
CA VAL B 153 10.21 -21.36 8.34
C VAL B 153 11.32 -20.69 9.16
N ILE B 154 11.19 -19.38 9.37
CA ILE B 154 12.23 -18.60 10.07
C ILE B 154 12.34 -19.06 11.50
N ARG B 155 11.19 -19.26 12.16
CA ARG B 155 11.18 -19.80 13.51
C ARG B 155 11.92 -21.12 13.61
N ASP B 156 11.64 -22.04 12.69
CA ASP B 156 12.24 -23.37 12.72
C ASP B 156 13.73 -23.26 12.61
N GLU B 157 14.19 -22.36 11.75
CA GLU B 157 15.60 -22.35 11.39
C GLU B 157 16.44 -21.39 12.25
N TYR B 158 15.79 -20.41 12.89
CA TYR B 158 16.49 -19.38 13.68
C TYR B 158 16.06 -19.28 15.16
N ASN B 159 14.84 -19.75 15.46
CA ASN B 159 14.24 -19.62 16.80
C ASN B 159 13.57 -20.95 17.28
N PRO B 160 14.29 -22.10 17.19
CA PRO B 160 13.64 -23.40 17.41
C PRO B 160 12.75 -23.45 18.66
N GLY B 161 11.51 -23.91 18.50
CA GLY B 161 10.63 -24.15 19.65
C GLY B 161 9.79 -22.99 20.12
N ALA B 162 10.19 -21.77 19.76
CA ALA B 162 9.47 -20.56 20.18
C ALA B 162 8.09 -20.43 19.58
N GLU B 163 7.22 -19.73 20.28
CA GLU B 163 5.91 -19.35 19.76
C GLU B 163 6.06 -18.19 18.79
N ILE B 164 5.11 -18.11 17.85
CA ILE B 164 5.00 -16.95 16.95
C ILE B 164 3.77 -16.17 17.36
N ASN B 165 3.99 -14.92 17.74
CA ASN B 165 2.93 -14.07 18.22
C ASN B 165 2.94 -12.74 17.46
N ALA B 166 1.84 -11.98 17.59
CA ALA B 166 1.77 -10.63 17.05
C ALA B 166 2.96 -9.82 17.54
N VAL B 167 3.48 -8.95 16.66
CA VAL B 167 4.48 -7.97 17.04
C VAL B 167 3.93 -6.53 16.97
N PRO B 168 4.25 -5.71 17.99
CA PRO B 168 3.87 -4.30 17.95
C PRO B 168 4.25 -3.60 16.64
N VAL B 169 3.28 -2.91 16.05
CA VAL B 169 3.46 -2.19 14.79
C VAL B 169 3.74 -0.70 15.04
N PHE B 170 4.90 -0.24 14.57
CA PHE B 170 5.38 1.13 14.63
C PHE B 170 5.09 1.83 13.31
N ALA B 171 4.44 2.99 13.38
CA ALA B 171 4.16 3.79 12.18
C ALA B 171 5.02 5.06 12.16
N GLN B 172 5.41 5.49 10.96
CA GLN B 172 6.20 6.72 10.79
C GLN B 172 5.36 7.78 10.10
N SER B 173 5.50 9.02 10.55
CA SER B 173 4.61 10.14 10.12
C SER B 173 5.23 11.04 9.05
N GLY B 174 6.56 11.02 8.95
CA GLY B 174 7.27 12.06 8.20
C GLY B 174 6.97 13.43 8.81
N ASP B 175 7.04 14.47 7.98
CA ASP B 175 6.82 15.85 8.45
C ASP B 175 5.38 16.18 8.86
N ASP B 176 4.39 15.50 8.27
CA ASP B 176 2.98 15.63 8.67
C ASP B 176 2.74 14.94 10.04
N ARG B 177 3.43 15.41 11.09
CA ARG B 177 3.40 14.82 12.45
C ARG B 177 2.10 15.03 13.23
N TYR B 178 1.13 15.71 12.62
CA TYR B 178 -0.15 15.88 13.29
C TYR B 178 -1.24 15.06 12.62
N ASP B 179 -1.37 15.21 11.31
CA ASP B 179 -2.43 14.51 10.59
C ASP B 179 -2.22 12.99 10.58
N ASN B 180 -0.96 12.56 10.43
CA ASN B 180 -0.64 11.14 10.40
C ASN B 180 -0.71 10.49 11.78
N VAL B 181 -0.45 11.26 12.84
CA VAL B 181 -0.80 10.85 14.21
C VAL B 181 -2.28 10.48 14.31
N ASP B 182 -3.17 11.35 13.81
CA ASP B 182 -4.60 11.00 13.76
C ASP B 182 -4.80 9.62 13.11
N LYS B 183 -4.18 9.42 11.94
CA LYS B 183 -4.24 8.16 11.20
C LYS B 183 -3.85 6.97 12.09
N MET B 184 -2.67 7.05 12.68
CA MET B 184 -2.15 6.02 13.58
C MET B 184 -3.05 5.73 14.79
N ILE B 185 -3.67 6.76 15.35
CA ILE B 185 -4.53 6.53 16.52
C ILE B 185 -5.74 5.74 16.06
N ILE B 186 -6.28 6.15 14.92
CA ILE B 186 -7.49 5.55 14.35
C ILE B 186 -7.25 4.13 13.87
N LYS B 187 -6.02 3.87 13.39
CA LYS B 187 -5.62 2.53 12.97
C LYS B 187 -4.89 1.79 14.08
N GLU B 188 -4.91 2.37 15.29
CA GLU B 188 -4.36 1.73 16.49
C GLU B 188 -2.93 1.17 16.39
N ALA B 189 -1.99 2.00 15.92
CA ALA B 189 -0.56 1.68 15.94
C ALA B 189 -0.16 1.36 17.36
N ASP B 190 0.68 0.34 17.52
CA ASP B 190 1.15 -0.04 18.83
C ASP B 190 2.26 0.91 19.26
N VAL B 191 2.92 1.49 18.28
CA VAL B 191 4.04 2.41 18.52
C VAL B 191 3.93 3.50 17.47
N LEU B 192 4.11 4.74 17.90
CA LEU B 192 4.01 5.88 17.00
C LEU B 192 4.74 7.09 17.59
N PRO B 193 4.87 8.18 16.81
CA PRO B 193 4.73 8.40 15.37
C PRO B 193 6.03 8.60 14.59
N HIS B 194 7.19 8.44 15.23
CA HIS B 194 8.48 8.84 14.66
C HIS B 194 8.67 10.38 14.63
N ALA B 195 7.76 11.10 13.99
CA ALA B 195 7.70 12.58 14.07
C ALA B 195 8.81 13.36 13.36
N LEU B 196 9.85 12.66 12.89
CA LEU B 196 10.82 13.28 11.97
C LEU B 196 11.33 14.62 12.52
N ILE B 197 11.75 14.59 13.78
CA ILE B 197 12.31 15.73 14.47
C ILE B 197 13.78 15.82 14.01
N ASN B 198 13.99 16.36 12.81
CA ASN B 198 15.32 16.40 12.17
C ASN B 198 15.91 17.82 12.09
N ASN B 199 15.38 18.71 12.92
CA ASN B 199 15.79 20.10 12.95
C ASN B 199 15.76 20.58 14.39
N VAL B 200 16.87 21.14 14.83
CA VAL B 200 16.97 21.70 16.18
C VAL B 200 16.00 22.87 16.30
N GLU B 201 16.22 23.93 15.53
CA GLU B 201 15.37 25.12 15.63
C GLU B 201 13.91 24.86 15.31
N GLU B 202 13.64 24.45 14.08
CA GLU B 202 12.29 24.32 13.55
C GLU B 202 11.43 23.28 14.26
N LYS B 203 12.05 22.21 14.72
CA LYS B 203 11.29 21.03 15.10
C LYS B 203 11.47 20.62 16.55
N LEU B 204 12.69 20.76 17.07
CA LEU B 204 12.96 20.46 18.47
C LEU B 204 12.78 21.71 19.31
N GLY B 205 13.27 22.83 18.78
CA GLY B 205 13.46 24.02 19.56
C GLY B 205 14.90 24.04 20.07
N LEU B 206 15.46 25.23 20.19
CA LEU B 206 16.79 25.42 20.72
C LEU B 206 16.95 24.88 22.14
N LYS B 207 15.83 24.84 22.87
CA LYS B 207 15.81 24.36 24.25
C LYS B 207 15.02 23.06 24.35
N GLY B 208 14.64 22.51 23.19
CA GLY B 208 13.81 21.31 23.13
C GLY B 208 12.35 21.61 23.46
N GLU B 209 11.99 22.88 23.43
CA GLU B 209 10.68 23.35 23.90
C GLU B 209 9.55 22.99 22.93
N LYS B 210 9.87 22.94 21.65
CA LYS B 210 8.88 22.57 20.65
C LYS B 210 8.48 21.10 20.73
N LEU B 211 9.49 20.21 20.80
CA LEU B 211 9.21 18.77 21.00
C LEU B 211 8.47 18.51 22.30
N LEU B 212 8.88 19.18 23.37
CA LEU B 212 8.12 19.13 24.62
C LEU B 212 6.63 19.41 24.42
N GLU B 213 6.29 20.47 23.68
CA GLU B 213 4.87 20.77 23.46
C GLU B 213 4.24 19.77 22.51
N TYR B 214 5.03 19.23 21.59
CA TYR B 214 4.53 18.17 20.69
C TYR B 214 4.18 16.89 21.47
N VAL B 215 5.05 16.47 22.39
CA VAL B 215 4.78 15.28 23.23
C VAL B 215 3.46 15.47 24.00
N LYS B 216 3.25 16.66 24.57
CA LYS B 216 2.01 16.98 25.28
C LYS B 216 0.81 16.97 24.34
N TRP B 217 0.98 17.53 23.14
CA TRP B 217 -0.08 17.48 22.14
C TRP B 217 -0.41 16.02 21.79
N LEU B 218 0.65 15.24 21.65
CA LEU B 218 0.55 13.84 21.24
C LEU B 218 -0.20 13.02 22.28
N ARG B 219 0.22 13.12 23.54
CA ARG B 219 -0.50 12.46 24.65
C ARG B 219 -1.97 12.83 24.66
N ASP B 220 -2.28 14.11 24.51
CA ASP B 220 -3.65 14.58 24.60
C ASP B 220 -4.47 14.12 23.39
N ARG B 221 -3.82 14.11 22.23
CA ARG B 221 -4.47 13.71 20.99
C ARG B 221 -4.99 12.28 21.12
N ILE B 222 -4.14 11.39 21.62
CA ILE B 222 -4.49 9.98 21.87
C ILE B 222 -5.67 9.85 22.80
N ILE B 223 -5.56 10.43 23.99
CA ILE B 223 -6.66 10.46 24.96
C ILE B 223 -7.96 10.94 24.31
N LYS B 224 -7.88 12.02 23.51
CA LYS B 224 -9.07 12.56 22.83
C LYS B 224 -9.61 11.67 21.71
N LEU B 225 -8.72 11.20 20.83
CA LEU B 225 -9.19 10.50 19.63
C LEU B 225 -9.47 9.00 19.75
N ARG B 226 -8.88 8.33 20.76
CA ARG B 226 -8.92 6.87 20.81
C ARG B 226 -10.35 6.32 20.97
N VAL B 227 -10.68 5.29 20.19
CA VAL B 227 -11.98 4.62 20.31
C VAL B 227 -12.08 3.87 21.65
N ARG B 228 -11.02 3.14 22.00
CA ARG B 228 -11.02 2.36 23.23
C ARG B 228 -10.14 3.02 24.27
N GLU B 229 -10.68 3.19 25.48
CA GLU B 229 -9.93 3.70 26.63
C GLU B 229 -8.62 2.98 26.93
N ASP B 230 -8.58 1.66 26.74
CA ASP B 230 -7.35 0.90 27.04
C ASP B 230 -6.31 0.91 25.90
N TYR B 231 -6.57 1.65 24.82
CA TYR B 231 -5.56 1.81 23.79
C TYR B 231 -4.53 2.78 24.34
N ALA B 232 -3.32 2.28 24.56
CA ALA B 232 -2.23 3.05 25.12
C ALA B 232 -0.93 2.68 24.42
N PRO B 233 -0.70 3.29 23.24
CA PRO B 233 0.47 3.03 22.40
C PRO B 233 1.76 3.56 23.04
N ILE B 234 2.91 3.13 22.53
CA ILE B 234 4.21 3.59 23.02
C ILE B 234 4.74 4.67 22.09
N PHE B 235 5.27 5.72 22.69
CA PHE B 235 5.83 6.83 21.93
C PHE B 235 7.19 6.43 21.41
N HIS B 236 7.42 6.66 20.12
CA HIS B 236 8.71 6.42 19.50
C HIS B 236 8.96 7.64 18.65
N ILE B 237 9.91 8.47 19.06
CA ILE B 237 10.19 9.75 18.39
C ILE B 237 11.66 9.83 18.01
N ASP B 238 11.92 10.16 16.75
CA ASP B 238 13.28 10.19 16.21
C ASP B 238 13.72 11.64 16.12
N VAL B 239 14.79 11.97 16.85
CA VAL B 239 15.29 13.34 16.96
C VAL B 239 16.56 13.59 16.13
N TYR B 240 16.91 12.65 15.26
CA TYR B 240 18.04 12.79 14.31
C TYR B 240 19.29 13.48 14.93
N GLY B 241 19.56 13.18 16.19
CA GLY B 241 20.76 13.68 16.85
C GLY B 241 20.64 15.11 17.36
N THR B 242 19.42 15.65 17.34
CA THR B 242 19.24 17.06 17.70
C THR B 242 19.23 17.31 19.20
N ILE B 243 18.86 16.29 19.98
CA ILE B 243 18.97 16.40 21.42
C ILE B 243 20.43 16.58 21.80
N GLY B 244 21.31 15.81 21.14
CA GLY B 244 22.73 15.95 21.31
C GLY B 244 23.20 17.35 20.97
N ALA B 245 22.88 17.81 19.76
CA ALA B 245 23.25 19.14 19.29
C ALA B 245 22.70 20.28 20.17
N ALA B 246 21.43 20.20 20.56
CA ALA B 246 20.80 21.21 21.44
C ALA B 246 21.40 21.23 22.86
N PHE B 247 22.07 20.15 23.24
CA PHE B 247 22.64 20.08 24.58
C PHE B 247 24.10 19.69 24.63
N ASP B 248 24.80 19.87 23.51
CA ASP B 248 26.24 19.67 23.39
C ASP B 248 26.70 18.31 23.89
N VAL B 249 25.82 17.32 23.70
CA VAL B 249 26.06 15.91 24.02
C VAL B 249 26.41 15.71 25.49
N ASP B 250 26.02 16.68 26.32
CA ASP B 250 26.10 16.55 27.76
C ASP B 250 25.16 15.45 28.22
N ILE B 251 25.76 14.34 28.62
CA ILE B 251 25.03 13.16 29.14
C ILE B 251 23.92 13.57 30.13
N LYS B 252 24.28 14.25 31.21
CA LYS B 252 23.31 14.66 32.23
C LYS B 252 22.24 15.62 31.69
N ALA B 253 22.66 16.61 30.89
CA ALA B 253 21.72 17.60 30.36
C ALA B 253 20.72 16.98 29.39
N MET B 254 21.19 16.01 28.61
CA MET B 254 20.31 15.25 27.72
C MET B 254 19.29 14.43 28.52
N ALA B 255 19.77 13.74 29.54
CA ALA B 255 18.92 12.92 30.40
C ALA B 255 17.85 13.73 31.13
N ASP B 256 18.24 14.92 31.62
CA ASP B 256 17.31 15.81 32.30
C ASP B 256 16.23 16.22 31.31
N TYR B 257 16.65 16.60 30.10
CA TYR B 257 15.70 16.99 29.07
C TYR B 257 14.77 15.84 28.80
N ILE B 258 15.35 14.65 28.62
CA ILE B 258 14.58 13.46 28.24
C ILE B 258 13.58 13.07 29.32
N GLN B 259 13.99 13.23 30.59
CA GLN B 259 13.09 13.05 31.73
C GLN B 259 11.82 13.91 31.66
N THR B 260 11.96 15.16 31.24
CA THR B 260 10.80 16.05 31.12
C THR B 260 9.92 15.60 29.96
N LEU B 261 10.54 15.09 28.91
CA LEU B 261 9.76 14.46 27.85
C LEU B 261 8.96 13.31 28.43
N ALA B 262 9.60 12.48 29.24
CA ALA B 262 8.89 11.34 29.84
C ALA B 262 7.75 11.81 30.73
N GLU B 263 7.98 12.81 31.58
CA GLU B 263 6.92 13.37 32.44
C GLU B 263 5.73 13.80 31.58
N ALA B 264 6.01 14.53 30.51
CA ALA B 264 5.00 15.00 29.54
C ALA B 264 4.24 13.89 28.80
N ALA B 265 4.89 12.74 28.62
CA ALA B 265 4.32 11.61 27.87
C ALA B 265 3.34 10.75 28.67
N LYS B 266 3.60 10.59 29.97
CA LYS B 266 2.75 9.81 30.85
C LYS B 266 1.26 10.13 30.63
N PRO B 267 0.38 9.12 30.69
CA PRO B 267 0.60 7.74 31.11
C PRO B 267 1.45 6.88 30.15
N PHE B 268 1.78 7.41 28.97
CA PHE B 268 2.44 6.65 27.91
C PHE B 268 3.98 6.54 28.04
N HIS B 269 4.55 5.48 27.49
CA HIS B 269 5.98 5.18 27.60
C HIS B 269 6.78 5.74 26.44
N LEU B 270 7.96 6.27 26.74
CA LEU B 270 8.70 7.02 25.74
C LEU B 270 9.98 6.37 25.25
N ARG B 271 10.04 6.25 23.92
CA ARG B 271 11.26 5.85 23.20
C ARG B 271 11.73 7.03 22.38
N ILE B 272 13.02 7.36 22.51
CA ILE B 272 13.65 8.39 21.71
C ILE B 272 14.66 7.66 20.83
N GLU B 273 14.46 7.71 19.51
CA GLU B 273 15.47 7.22 18.57
C GLU B 273 16.52 8.27 18.26
N GLY B 274 17.78 7.85 18.19
CA GLY B 274 18.91 8.73 17.88
C GLY B 274 19.05 10.03 18.66
N PRO B 275 19.19 9.96 19.99
CA PRO B 275 19.30 11.18 20.81
C PRO B 275 20.42 12.06 20.31
N MET B 276 21.59 11.45 20.12
CA MET B 276 22.75 12.14 19.56
C MET B 276 23.25 11.45 18.29
N ASP B 277 24.09 12.16 17.53
CA ASP B 277 24.68 11.64 16.33
C ASP B 277 26.09 12.23 16.30
N VAL B 278 27.07 11.48 16.81
CA VAL B 278 28.43 12.02 16.98
C VAL B 278 29.33 11.64 15.79
N GLU B 279 30.64 11.74 15.93
CA GLU B 279 31.52 11.70 14.75
C GLU B 279 32.14 10.39 14.30
N ASP B 280 31.98 9.33 15.10
CA ASP B 280 32.34 7.97 14.65
C ASP B 280 31.54 6.94 15.44
N ARG B 281 31.51 5.70 14.91
CA ARG B 281 30.72 4.61 15.50
C ARG B 281 31.09 4.32 16.95
N GLN B 282 32.40 4.32 17.24
CA GLN B 282 32.90 4.07 18.59
C GLN B 282 32.34 5.06 19.59
N LYS B 283 32.38 6.33 19.21
CA LYS B 283 31.89 7.40 20.07
C LYS B 283 30.36 7.54 20.11
N GLN B 284 29.68 7.01 19.10
CA GLN B 284 28.22 6.93 19.12
C GLN B 284 27.79 5.85 20.11
N MET B 285 28.51 4.72 20.08
CA MET B 285 28.23 3.62 20.97
C MET B 285 28.38 4.15 22.38
N GLU B 286 29.56 4.69 22.67
CA GLU B 286 29.86 5.26 24.00
C GLU B 286 28.79 6.25 24.47
N ALA B 287 28.38 7.17 23.60
CA ALA B 287 27.41 8.18 23.99
C ALA B 287 26.02 7.58 24.24
N MET B 288 25.70 6.51 23.51
CA MET B 288 24.44 5.82 23.72
C MET B 288 24.52 4.98 24.98
N ARG B 289 25.64 4.27 25.15
CA ARG B 289 25.87 3.42 26.34
C ARG B 289 25.73 4.23 27.62
N ASP B 290 26.44 5.35 27.67
CA ASP B 290 26.48 6.23 28.82
C ASP B 290 25.17 7.00 29.06
N LEU B 291 24.48 7.44 27.99
CA LEU B 291 23.18 8.08 28.20
C LEU B 291 22.15 7.07 28.69
N ARG B 292 22.19 5.85 28.16
CA ARG B 292 21.37 4.80 28.72
C ARG B 292 21.70 4.61 30.21
N ALA B 293 22.98 4.45 30.52
CA ALA B 293 23.43 4.18 31.90
C ALA B 293 23.02 5.32 32.84
N GLU B 294 23.09 6.56 32.34
CA GLU B 294 22.57 7.73 33.06
C GLU B 294 21.08 7.58 33.32
N LEU B 295 20.29 7.44 32.25
CA LEU B 295 18.85 7.27 32.36
C LEU B 295 18.53 6.13 33.31
N ASP B 296 19.27 5.02 33.18
CA ASP B 296 18.99 3.81 33.94
C ASP B 296 19.35 3.98 35.43
N GLY B 297 20.52 4.55 35.70
CA GLY B 297 20.97 4.80 37.07
C GLY B 297 20.07 5.73 37.85
N ARG B 298 19.37 6.62 37.16
CA ARG B 298 18.40 7.54 37.79
C ARG B 298 16.95 7.03 37.77
N GLY B 299 16.72 5.91 37.08
CA GLY B 299 15.38 5.34 36.97
C GLY B 299 14.39 6.15 36.12
N VAL B 300 14.90 6.91 35.16
CA VAL B 300 14.05 7.62 34.21
C VAL B 300 13.56 6.59 33.19
N ASP B 301 12.24 6.45 33.10
CA ASP B 301 11.63 5.34 32.35
C ASP B 301 11.50 5.64 30.85
N ALA B 302 12.62 5.98 30.21
CA ALA B 302 12.68 6.26 28.79
C ALA B 302 13.72 5.35 28.15
N GLU B 303 13.41 4.88 26.95
CA GLU B 303 14.33 4.04 26.20
C GLU B 303 14.94 4.83 25.06
N LEU B 304 16.17 4.46 24.72
CA LEU B 304 16.91 5.00 23.59
C LEU B 304 16.94 3.95 22.46
N VAL B 305 16.73 4.40 21.22
CA VAL B 305 16.78 3.52 20.06
C VAL B 305 17.97 3.92 19.19
N ALA B 306 18.81 2.95 18.85
CA ALA B 306 20.00 3.19 18.05
C ALA B 306 19.66 3.30 16.57
N ASP B 307 20.44 4.08 15.83
CA ASP B 307 20.23 4.22 14.40
C ASP B 307 21.55 4.62 13.75
N GLU B 308 21.82 5.91 13.77
CA GLU B 308 23.08 6.46 13.30
C GLU B 308 24.31 5.67 13.77
N TRP B 309 25.13 5.27 12.80
CA TRP B 309 26.36 4.48 13.01
C TRP B 309 26.11 3.03 13.37
N CYS B 310 24.84 2.63 13.42
CA CYS B 310 24.50 1.22 13.64
C CYS B 310 23.84 0.60 12.41
N ASN B 311 24.67 0.14 11.47
CA ASN B 311 24.18 -0.30 10.16
C ASN B 311 24.24 -1.81 9.96
N THR B 312 25.44 -2.36 10.03
CA THR B 312 25.69 -3.77 9.70
C THR B 312 25.29 -4.73 10.83
N VAL B 313 25.31 -6.04 10.53
CA VAL B 313 25.10 -7.07 11.56
C VAL B 313 26.20 -7.01 12.62
N GLU B 314 27.43 -6.73 12.18
CA GLU B 314 28.57 -6.49 13.07
C GLU B 314 28.28 -5.30 14.01
N ASP B 315 27.73 -4.21 13.46
CA ASP B 315 27.27 -3.05 14.24
C ASP B 315 26.22 -3.42 15.29
N VAL B 316 25.23 -4.19 14.85
CA VAL B 316 24.17 -4.72 15.70
C VAL B 316 24.75 -5.46 16.90
N LYS B 317 25.72 -6.35 16.66
CA LYS B 317 26.47 -7.00 17.73
C LYS B 317 27.27 -6.04 18.61
N PHE B 318 27.89 -5.03 17.99
CA PHE B 318 28.66 -4.04 18.74
C PHE B 318 27.76 -3.19 19.67
N PHE B 319 26.64 -2.68 19.16
CA PHE B 319 25.74 -1.88 20.03
C PHE B 319 25.09 -2.74 21.10
N THR B 320 24.72 -3.95 20.71
CA THR B 320 24.16 -4.94 21.62
C THR B 320 25.10 -5.26 22.77
N ASP B 321 26.26 -5.81 22.45
CA ASP B 321 27.31 -6.14 23.43
C ASP B 321 27.52 -5.05 24.45
N ASN B 322 27.60 -3.82 23.98
CA ASN B 322 27.90 -2.67 24.80
C ASN B 322 26.67 -1.93 25.38
N LYS B 323 25.49 -2.55 25.27
CA LYS B 323 24.21 -1.96 25.74
C LYS B 323 24.06 -0.47 25.36
N ALA B 324 24.34 -0.19 24.09
CA ALA B 324 24.36 1.18 23.54
C ALA B 324 22.96 1.66 23.16
N GLY B 325 22.13 1.84 24.19
CA GLY B 325 20.71 2.10 24.03
C GLY B 325 19.89 0.91 24.50
N HIS B 326 18.58 1.04 24.43
CA HIS B 326 17.69 -0.02 24.92
C HIS B 326 17.13 -0.85 23.78
N MET B 327 17.22 -0.29 22.57
CA MET B 327 16.68 -0.93 21.39
C MET B 327 17.58 -0.68 20.19
N VAL B 328 17.87 -1.73 19.45
CA VAL B 328 18.70 -1.58 18.25
C VAL B 328 17.83 -1.73 17.02
N GLN B 329 17.91 -0.73 16.14
CA GLN B 329 17.23 -0.76 14.87
C GLN B 329 17.88 -1.70 13.84
N ILE B 330 17.08 -2.67 13.38
CA ILE B 330 17.50 -3.66 12.39
C ILE B 330 16.98 -3.15 11.05
N LYS B 331 17.92 -2.83 10.16
CA LYS B 331 17.63 -2.04 9.01
C LYS B 331 17.48 -2.93 7.78
N THR B 332 16.28 -3.50 7.66
CA THR B 332 16.01 -4.60 6.73
C THR B 332 16.59 -4.52 5.29
N PRO B 333 16.39 -3.40 4.55
CA PRO B 333 16.93 -3.41 3.18
C PRO B 333 18.44 -3.35 3.13
N ASP B 334 19.04 -2.63 4.08
CA ASP B 334 20.47 -2.43 4.11
C ASP B 334 21.26 -3.69 4.40
N LEU B 335 20.62 -4.67 5.05
CA LEU B 335 21.32 -5.87 5.48
C LEU B 335 21.47 -6.92 4.36
N GLY B 336 20.92 -6.62 3.19
CA GLY B 336 20.98 -7.55 2.05
C GLY B 336 20.09 -8.75 2.23
N GLY B 337 20.68 -9.95 2.22
CA GLY B 337 19.89 -11.18 2.40
C GLY B 337 19.09 -11.12 3.68
N VAL B 338 17.81 -11.48 3.63
CA VAL B 338 16.91 -11.36 4.79
C VAL B 338 17.27 -12.31 5.95
N ASN B 339 18.17 -13.26 5.68
CA ASN B 339 18.68 -14.13 6.72
C ASN B 339 19.45 -13.34 7.78
N ASN B 340 20.10 -12.26 7.35
CA ASN B 340 20.82 -11.36 8.25
C ASN B 340 19.94 -10.64 9.25
N ILE B 341 18.71 -10.31 8.85
CA ILE B 341 17.70 -9.74 9.77
C ILE B 341 17.46 -10.74 10.90
N ALA B 342 17.12 -11.98 10.53
CA ALA B 342 16.89 -13.00 11.55
C ALA B 342 18.11 -13.18 12.45
N ASP B 343 19.32 -13.25 11.88
CA ASP B 343 20.55 -13.35 12.73
C ASP B 343 20.64 -12.21 13.72
N ALA B 344 20.49 -11.00 13.19
CA ALA B 344 20.61 -9.78 13.96
C ALA B 344 19.54 -9.74 15.07
N ILE B 345 18.27 -9.98 14.72
CA ILE B 345 17.20 -10.05 15.74
C ILE B 345 17.53 -11.07 16.84
N MET B 346 17.92 -12.29 16.44
CA MET B 346 18.20 -13.36 17.41
C MET B 346 19.40 -13.06 18.33
N TYR B 347 20.37 -12.32 17.83
CA TYR B 347 21.48 -11.84 18.69
C TYR B 347 20.92 -10.90 19.76
N CYS B 348 20.11 -9.94 19.32
CA CYS B 348 19.48 -9.00 20.25
C CYS B 348 18.75 -9.75 21.38
N LYS B 349 17.88 -10.71 21.01
CA LYS B 349 17.14 -11.54 21.95
C LYS B 349 18.07 -12.24 22.93
N ALA B 350 19.02 -13.00 22.39
CA ALA B 350 19.98 -13.76 23.21
C ALA B 350 20.71 -12.86 24.21
N ASN B 351 20.92 -11.60 23.86
CA ASN B 351 21.58 -10.66 24.77
C ASN B 351 20.63 -9.66 25.41
N GLY B 352 19.33 -9.95 25.38
CA GLY B 352 18.33 -9.06 25.97
C GLY B 352 18.33 -7.63 25.44
N MET B 353 18.56 -7.47 24.14
CA MET B 353 18.43 -6.15 23.53
C MET B 353 17.12 -6.13 22.75
N GLY B 354 16.31 -5.11 23.03
CA GLY B 354 15.09 -4.87 22.27
C GLY B 354 15.46 -4.77 20.80
N ALA B 355 14.67 -5.43 19.96
CA ALA B 355 14.93 -5.46 18.54
C ALA B 355 13.81 -4.78 17.77
N TYR B 356 14.15 -3.69 17.12
CA TYR B 356 13.24 -3.02 16.22
C TYR B 356 13.49 -3.54 14.81
N CYS B 357 12.54 -4.31 14.30
CA CYS B 357 12.65 -4.85 12.95
C CYS B 357 12.08 -3.81 11.97
N GLY B 358 12.97 -3.06 11.32
CA GLY B 358 12.59 -1.84 10.60
C GLY B 358 12.28 -2.00 9.13
N GLY B 359 12.78 -1.05 8.35
CA GLY B 359 12.61 -1.08 6.90
C GLY B 359 12.67 0.31 6.34
N THR B 360 12.22 0.45 5.10
CA THR B 360 12.13 1.74 4.44
C THR B 360 10.73 2.03 3.89
N OCS B 361 10.40 3.31 3.77
CA OCS B 361 9.18 3.69 3.09
CB OCS B 361 8.88 5.15 3.37
SG OCS B 361 10.22 6.28 2.91
C OCS B 361 9.34 3.44 1.58
O OCS B 361 8.35 3.43 0.84
OD1 OCS B 361 11.38 6.04 3.73
OD2 OCS B 361 10.55 6.15 1.55
OD3 OCS B 361 9.80 7.62 3.12
N ASN B 362 10.57 3.26 1.13
CA ASN B 362 10.85 3.04 -0.28
C ASN B 362 10.95 1.57 -0.72
N GLU B 363 10.45 0.64 0.09
CA GLU B 363 10.45 -0.75 -0.38
C GLU B 363 9.06 -1.13 -0.93
N THR B 364 8.71 -2.39 -0.95
CA THR B 364 7.40 -2.77 -1.53
C THR B 364 6.42 -3.38 -0.54
N ASN B 365 5.20 -3.66 -1.01
CA ASN B 365 4.22 -4.44 -0.24
C ASN B 365 4.71 -5.87 0.04
N ARG B 366 5.33 -6.50 -0.96
CA ARG B 366 5.86 -7.86 -0.78
C ARG B 366 7.02 -7.87 0.22
N SER B 367 8.03 -7.04 -0.01
CA SER B 367 9.20 -7.03 0.88
C SER B 367 8.74 -6.80 2.33
N ALA B 368 7.71 -5.97 2.49
CA ALA B 368 7.15 -5.69 3.81
C ALA B 368 6.50 -6.94 4.41
N GLU B 369 5.79 -7.70 3.59
CA GLU B 369 5.18 -8.94 4.09
C GLU B 369 6.25 -9.91 4.58
N VAL B 370 7.30 -10.06 3.79
CA VAL B 370 8.37 -10.99 4.13
C VAL B 370 9.06 -10.62 5.44
N THR B 371 9.52 -9.36 5.54
CA THR B 371 10.27 -8.99 6.75
C THR B 371 9.38 -8.95 7.99
N THR B 372 8.09 -8.62 7.82
CA THR B 372 7.14 -8.76 8.93
C THR B 372 7.16 -10.20 9.45
N ASN B 373 7.10 -11.17 8.53
CA ASN B 373 7.15 -12.58 8.91
C ASN B 373 8.41 -12.91 9.71
N ILE B 374 9.53 -12.30 9.31
CA ILE B 374 10.80 -12.54 9.99
C ILE B 374 10.71 -11.97 11.41
N GLY B 375 10.17 -10.75 11.49
CA GLY B 375 10.00 -10.04 12.74
C GLY B 375 9.15 -10.85 13.70
N MET B 376 8.02 -11.35 13.19
CA MET B 376 7.15 -12.21 13.99
C MET B 376 7.87 -13.47 14.50
N ALA B 377 8.55 -14.16 13.61
CA ALA B 377 9.24 -15.43 13.93
C ALA B 377 10.34 -15.29 14.96
N CYS B 378 10.99 -14.13 15.00
CA CYS B 378 12.10 -13.95 15.89
C CYS B 378 11.67 -13.23 17.18
N GLY B 379 10.38 -12.92 17.30
CA GLY B 379 9.85 -12.11 18.40
C GLY B 379 10.50 -10.73 18.53
N ALA B 380 10.62 -9.99 17.42
CA ALA B 380 11.07 -8.59 17.48
C ALA B 380 10.20 -7.81 18.47
N ARG B 381 10.75 -6.74 19.04
CA ARG B 381 9.99 -5.92 19.99
C ARG B 381 8.96 -5.05 19.26
N GLN B 382 9.29 -4.67 18.03
CA GLN B 382 8.38 -3.96 17.13
C GLN B 382 8.80 -4.13 15.68
N VAL B 383 7.84 -3.93 14.77
CA VAL B 383 8.10 -3.95 13.33
C VAL B 383 7.54 -2.66 12.72
N LEU B 384 8.18 -2.18 11.65
CA LEU B 384 7.71 -0.99 10.92
C LEU B 384 6.52 -1.29 10.01
N ALA B 385 5.45 -0.52 10.15
CA ALA B 385 4.41 -0.42 9.12
C ALA B 385 5.02 0.24 7.90
N LYS B 386 4.99 -0.44 6.75
CA LYS B 386 5.71 0.02 5.53
C LYS B 386 5.17 -0.72 4.29
N PRO B 387 5.47 -0.24 3.07
CA PRO B 387 6.17 0.98 2.67
C PRO B 387 5.19 2.12 2.55
N GLY B 388 5.64 3.21 1.91
CA GLY B 388 4.85 4.41 1.68
C GLY B 388 4.81 5.33 2.87
N MET B 389 4.44 6.58 2.61
N MET B 389 4.46 6.58 2.65
CA MET B 389 4.25 7.60 3.63
CA MET B 389 4.23 7.50 3.76
C MET B 389 2.76 7.90 3.86
C MET B 389 2.76 7.90 3.86
N GLY B 390 1.89 7.12 3.21
CA GLY B 390 0.43 7.29 3.32
C GLY B 390 -0.11 6.83 4.66
N VAL B 391 0.67 6.00 5.35
CA VAL B 391 0.38 5.45 6.67
C VAL B 391 -0.66 4.32 6.62
N ASP B 392 -1.88 4.64 6.19
CA ASP B 392 -2.94 3.64 6.05
C ASP B 392 -2.50 2.37 5.30
N GLU B 393 -1.88 2.56 4.15
CA GLU B 393 -1.45 1.45 3.32
C GLU B 393 -0.40 0.61 4.04
N GLY B 394 0.65 1.26 4.54
CA GLY B 394 1.71 0.60 5.28
C GLY B 394 1.21 -0.20 6.48
N MET B 395 0.27 0.38 7.23
N MET B 395 0.25 0.36 7.22
CA MET B 395 -0.37 -0.31 8.36
CA MET B 395 -0.32 -0.35 8.36
C MET B 395 -1.16 -1.52 7.91
C MET B 395 -1.22 -1.51 7.96
N MET B 396 -1.92 -1.36 6.83
CA MET B 396 -2.76 -2.43 6.27
C MET B 396 -1.86 -3.59 5.80
N ILE B 397 -0.92 -3.32 4.90
CA ILE B 397 0.02 -4.36 4.44
C ILE B 397 0.58 -5.18 5.62
N VAL B 398 1.16 -4.50 6.61
CA VAL B 398 1.85 -5.15 7.72
C VAL B 398 0.94 -5.85 8.74
N LYS B 399 -0.10 -5.18 9.20
CA LYS B 399 -0.99 -5.78 10.20
C LYS B 399 -1.87 -6.91 9.65
N ASN B 400 -2.33 -6.76 8.43
CA ASN B 400 -3.14 -7.83 7.82
C ASN B 400 -2.28 -9.07 7.62
N GLU B 401 -1.03 -8.90 7.15
CA GLU B 401 -0.14 -10.05 7.02
C GLU B 401 0.08 -10.72 8.38
N MET B 402 0.42 -9.92 9.39
CA MET B 402 0.56 -10.42 10.76
C MET B 402 -0.64 -11.25 11.21
N ASN B 403 -1.85 -10.70 11.03
CA ASN B 403 -3.13 -11.35 11.41
C ASN B 403 -3.37 -12.72 10.74
N ARG B 404 -3.22 -12.78 9.43
CA ARG B 404 -3.37 -14.01 8.66
C ARG B 404 -2.35 -15.07 9.09
N VAL B 405 -1.10 -14.64 9.29
CA VAL B 405 -0.01 -15.56 9.70
C VAL B 405 -0.32 -16.21 11.03
N LEU B 406 -0.83 -15.43 11.99
CA LEU B 406 -1.23 -15.95 13.29
C LEU B 406 -2.44 -16.89 13.18
N ALA B 407 -3.37 -16.57 12.28
CA ALA B 407 -4.49 -17.46 12.00
C ALA B 407 -4.00 -18.83 11.51
N LEU B 408 -3.22 -18.85 10.44
CA LEU B 408 -2.64 -20.08 9.90
C LEU B 408 -1.81 -20.86 10.92
N VAL B 409 -0.89 -20.19 11.63
CA VAL B 409 -0.09 -20.89 12.63
C VAL B 409 -0.97 -21.55 13.69
N GLY B 410 -2.02 -20.87 14.12
CA GLY B 410 -2.91 -21.34 15.18
C GLY B 410 -3.73 -22.53 14.71
N ARG B 411 -4.13 -22.49 13.44
CA ARG B 411 -4.74 -23.65 12.79
C ARG B 411 -3.83 -24.88 12.88
N ARG B 412 -2.53 -24.66 12.70
CA ARG B 412 -1.58 -25.77 12.58
C ARG B 412 -1.33 -26.44 13.92
N LYS B 413 -1.39 -25.66 15.00
CA LYS B 413 -1.27 -26.20 16.36
C LYS B 413 -2.41 -27.17 16.70
N LYS B 414 -3.64 -26.82 16.30
CA LYS B 414 -4.79 -27.72 16.45
C LYS B 414 -5.03 -28.46 15.15
N LEU B 415 -4.21 -29.47 14.86
CA LEU B 415 -4.46 -30.38 13.75
C LEU B 415 -4.29 -31.83 14.20
MG MG C . -17.27 9.48 -9.90
C1 GOL D . 0.79 -13.08 -9.60
O1 GOL D . -0.55 -13.22 -9.18
C2 GOL D . 1.66 -12.88 -8.37
O2 GOL D . 1.88 -11.48 -8.23
C3 GOL D . 3.02 -13.58 -8.58
O3 GOL D . 2.88 -14.98 -8.74
C1 GOL E . -7.56 -4.51 13.12
O1 GOL E . -6.59 -5.54 13.02
C2 GOL E . -8.93 -5.06 12.74
O2 GOL E . -9.58 -5.59 13.89
C3 GOL E . -9.82 -3.99 12.11
O3 GOL E . -10.87 -4.64 11.42
C1 GOL F . -26.91 8.27 -6.26
O1 GOL F . -26.82 9.66 -6.52
C2 GOL F . -26.95 7.55 -7.60
O2 GOL F . -28.25 7.05 -7.82
C3 GOL F . -25.96 6.38 -7.60
O3 GOL F . -24.64 6.86 -7.75
MG MG G . 16.39 7.37 12.89
C1 GOL H . 0.92 -15.84 4.16
O1 GOL H . 2.07 -15.03 3.98
C2 GOL H . -0.43 -15.12 4.02
O2 GOL H . -0.53 -13.71 4.02
C3 GOL H . -1.24 -15.74 2.92
O3 GOL H . -1.77 -16.95 3.41
C1 GOL I . 17.34 26.20 11.47
O1 GOL I . 17.56 25.37 12.60
C2 GOL I . 18.02 25.61 10.25
O2 GOL I . 18.28 26.66 9.33
C3 GOL I . 17.06 24.65 9.56
O3 GOL I . 17.72 23.44 9.25
CL CL J . 0.27 17.31 9.77
#